data_6Z69
#
_entry.id   6Z69
#
_cell.length_a   72.410
_cell.length_b   86.700
_cell.length_c   110.110
_cell.angle_alpha   90.000
_cell.angle_beta   90.000
_cell.angle_gamma   90.000
#
_symmetry.space_group_name_H-M   'P 21 21 21'
#
loop_
_entity.id
_entity.type
_entity.pdbx_description
1 polymer 'Acetyl esterase/lipase'
2 non-polymer 'N-HEXYLPHOSPHONATE ETHYL ESTER'
3 non-polymer 7-hydroxy-4-methyl-2H-chromen-2-one
4 non-polymer 'MAGNESIUM ION'
5 water water
#
_entity_poly.entity_id   1
_entity_poly.type   'polypeptide(L)'
_entity_poly.pdbx_seq_one_letter_code
;MTTTSNSTETGRRPGRLGDPDRCLRTDPRTDPRTVEALAPFGLDVNAAPAPIGPDAPREQQLEYAMGAEAAFEGVFAALM
DGLDPVPGIERRTETISGPAGNEIKLYVHRPAGAVGPLPGIFHIHGGGMVILQAAGPVYVRFRDELAATGTVVVGVEYRN
GAGVLGPHPFPAGLHDCAVALDWVHARRAELGISTLTVAGESGGGNLTLATAIRAKREGRLDAIDGVYALVPYISGMYGR
SREEREAELPSLVECDGYFISCDLCAVFVEVYDPGTAHLTDPLAWPYHAAREDLVGLPPHVISVNEVDPLRDEGLAYYRK
LVEAGVEARSRVVPGACHAADMMFRKAAPDMYEATVQDIHDFVTSLHRLEHHHHHH
;
_entity_poly.pdbx_strand_id   A,B
#
loop_
_chem_comp.id
_chem_comp.type
_chem_comp.name
_chem_comp.formula
4MU non-polymer 7-hydroxy-4-methyl-2H-chromen-2-one 'C10 H8 O3'
HEE non-polymer 'N-HEXYLPHOSPHONATE ETHYL ESTER' 'C8 H19 O3 P'
MG non-polymer 'MAGNESIUM ION' 'Mg 2'
#
# COMPACT_ATOMS: atom_id res chain seq x y z
N ARG A 12 -20.22 10.84 15.17
CA ARG A 12 -19.10 11.70 14.72
C ARG A 12 -17.91 10.77 14.42
N ARG A 13 -16.82 10.92 15.16
CA ARG A 13 -15.54 10.24 14.85
C ARG A 13 -15.71 8.73 15.06
N PRO A 14 -14.92 7.90 14.37
CA PRO A 14 -15.06 6.45 14.49
C PRO A 14 -14.57 5.94 15.86
N GLY A 15 -15.06 4.75 16.20
CA GLY A 15 -14.62 3.98 17.38
C GLY A 15 -14.68 4.81 18.64
N ARG A 16 -13.64 4.68 19.46
CA ARG A 16 -13.64 5.26 20.82
C ARG A 16 -13.27 6.74 20.76
N LEU A 17 -12.92 7.28 19.58
CA LEU A 17 -12.81 8.76 19.42
C LEU A 17 -14.22 9.37 19.50
N GLY A 18 -15.20 8.80 18.81
CA GLY A 18 -16.59 9.28 18.79
C GLY A 18 -17.32 8.91 20.07
N ASP A 19 -17.18 7.67 20.55
CA ASP A 19 -17.84 7.18 21.78
C ASP A 19 -16.81 6.40 22.61
N PRO A 20 -16.27 6.98 23.70
CA PRO A 20 -15.23 6.35 24.52
C PRO A 20 -15.52 4.95 25.05
N ASP A 21 -16.80 4.58 25.17
CA ASP A 21 -17.28 3.27 25.69
C ASP A 21 -17.43 2.24 24.57
N ARG A 22 -17.20 2.61 23.29
CA ARG A 22 -17.33 1.63 22.19
C ARG A 22 -16.31 0.51 22.40
N CYS A 23 -16.71 -0.69 22.00
CA CYS A 23 -15.88 -1.88 22.05
C CYS A 23 -16.08 -2.59 20.71
N LEU A 24 -15.44 -3.75 20.52
CA LEU A 24 -15.52 -4.46 19.22
C LEU A 24 -17.00 -4.73 18.94
N ARG A 25 -17.77 -5.18 19.93
CA ARG A 25 -19.18 -5.57 19.65
C ARG A 25 -19.97 -4.37 19.14
N THR A 26 -19.79 -3.18 19.70
CA THR A 26 -20.67 -2.00 19.50
C THR A 26 -20.11 -1.08 18.42
N ASP A 27 -18.94 -1.38 17.88
CA ASP A 27 -18.39 -0.66 16.71
C ASP A 27 -19.07 -1.22 15.47
N PRO A 28 -19.81 -0.38 14.72
CA PRO A 28 -20.54 -0.85 13.55
C PRO A 28 -19.64 -1.27 12.38
N ARG A 29 -18.33 -1.08 12.50
CA ARG A 29 -17.32 -1.51 11.46
C ARG A 29 -16.86 -2.95 11.66
N THR A 30 -16.96 -3.50 12.86
CA THR A 30 -16.42 -4.86 13.15
C THR A 30 -17.20 -5.90 12.38
N ASP A 31 -16.49 -6.82 11.71
CA ASP A 31 -17.04 -8.04 11.11
C ASP A 31 -17.76 -8.82 12.20
N PRO A 32 -19.10 -8.88 12.19
CA PRO A 32 -19.86 -9.49 13.29
C PRO A 32 -19.51 -10.95 13.55
N ARG A 33 -19.06 -11.67 12.53
CA ARG A 33 -18.62 -13.08 12.68
C ARG A 33 -17.51 -13.16 13.74
N THR A 34 -16.64 -12.14 13.75
CA THR A 34 -15.44 -12.14 14.63
C THR A 34 -15.88 -11.80 16.05
N VAL A 35 -16.89 -10.95 16.17
CA VAL A 35 -17.47 -10.59 17.49
C VAL A 35 -18.03 -11.87 18.14
N GLU A 36 -18.84 -12.65 17.42
CA GLU A 36 -19.40 -13.92 17.97
C GLU A 36 -18.27 -14.91 18.27
N ALA A 37 -17.20 -14.93 17.47
CA ALA A 37 -16.06 -15.85 17.68
C ALA A 37 -15.35 -15.49 18.99
N LEU A 38 -15.35 -14.22 19.36
CA LEU A 38 -14.62 -13.78 20.56
C LEU A 38 -15.53 -13.84 21.78
N ALA A 39 -16.85 -13.89 21.59
CA ALA A 39 -17.82 -13.82 22.70
C ALA A 39 -17.58 -14.92 23.75
N PRO A 40 -17.29 -16.19 23.41
CA PRO A 40 -17.18 -17.22 24.46
C PRO A 40 -16.09 -16.90 25.50
N PHE A 41 -15.12 -16.09 25.12
CA PHE A 41 -13.92 -15.75 25.91
C PHE A 41 -14.10 -14.41 26.62
N GLY A 42 -15.22 -13.71 26.35
CA GLY A 42 -15.43 -12.35 26.86
C GLY A 42 -14.54 -11.33 26.19
N LEU A 43 -14.00 -11.65 25.01
CA LEU A 43 -13.07 -10.75 24.26
C LEU A 43 -13.82 -9.92 23.21
N ASP A 44 -15.15 -9.95 23.22
CA ASP A 44 -15.96 -9.10 22.31
C ASP A 44 -16.11 -7.70 22.89
N VAL A 45 -15.76 -7.52 24.17
CA VAL A 45 -15.84 -6.23 24.91
C VAL A 45 -14.43 -5.80 25.36
N ASN A 46 -14.30 -4.56 25.82
CA ASN A 46 -13.02 -4.02 26.34
C ASN A 46 -12.69 -4.72 27.65
N ALA A 47 -11.47 -5.24 27.76
CA ALA A 47 -10.92 -5.74 29.02
C ALA A 47 -10.92 -4.60 30.05
N ALA A 48 -11.12 -4.97 31.31
CA ALA A 48 -10.92 -4.07 32.46
C ALA A 48 -9.52 -3.46 32.40
N PRO A 49 -9.35 -2.23 32.89
CA PRO A 49 -8.02 -1.65 33.05
C PRO A 49 -7.11 -2.68 33.71
N ALA A 50 -5.91 -2.81 33.17
CA ALA A 50 -4.91 -3.79 33.63
C ALA A 50 -4.57 -3.46 35.07
N PRO A 51 -4.54 -4.48 35.94
CA PRO A 51 -4.35 -4.28 37.37
C PRO A 51 -2.89 -4.03 37.77
N ILE A 52 -1.99 -4.05 36.79
CA ILE A 52 -0.55 -3.74 36.97
C ILE A 52 -0.15 -2.72 35.90
N GLY A 53 0.86 -1.92 36.20
CA GLY A 53 1.40 -0.90 35.29
C GLY A 53 2.90 -1.08 35.02
N PRO A 54 3.45 -0.25 34.12
CA PRO A 54 4.84 -0.41 33.68
C PRO A 54 5.88 -0.13 34.77
N ASP A 55 5.48 0.49 35.89
CA ASP A 55 6.41 0.77 37.02
C ASP A 55 6.29 -0.31 38.10
N ALA A 56 5.37 -1.27 38.00
CA ALA A 56 5.34 -2.44 38.89
C ALA A 56 6.69 -3.14 38.91
N PRO A 57 7.05 -3.80 40.03
CA PRO A 57 8.24 -4.63 40.09
C PRO A 57 8.24 -5.63 38.93
N ARG A 58 9.42 -5.86 38.36
CA ARG A 58 9.57 -6.79 37.24
C ARG A 58 9.10 -8.20 37.64
N GLU A 59 9.31 -8.64 38.88
CA GLU A 59 8.86 -9.99 39.27
C GLU A 59 7.34 -10.09 39.03
N GLN A 60 6.58 -9.04 39.39
CA GLN A 60 5.09 -9.06 39.27
C GLN A 60 4.69 -8.91 37.79
N GLN A 61 5.46 -8.17 36.99
CA GLN A 61 5.17 -8.03 35.52
C GLN A 61 5.34 -9.40 34.85
N LEU A 62 6.41 -10.14 35.20
CA LEU A 62 6.70 -11.46 34.58
C LEU A 62 5.61 -12.46 35.01
N GLU A 63 5.19 -12.40 36.27
CA GLU A 63 4.05 -13.23 36.74
C GLU A 63 2.81 -12.93 35.89
N TYR A 64 2.48 -11.66 35.69
CA TYR A 64 1.27 -11.26 34.94
C TYR A 64 1.40 -11.80 33.50
N ALA A 65 2.57 -11.65 32.88
CA ALA A 65 2.83 -12.12 31.50
C ALA A 65 2.67 -13.65 31.41
N MET A 66 3.16 -14.38 32.41
CA MET A 66 3.05 -15.87 32.44
C MET A 66 1.56 -16.26 32.40
N GLY A 67 0.73 -15.62 33.22
CA GLY A 67 -0.73 -15.86 33.26
C GLY A 67 -1.37 -15.55 31.90
N ALA A 68 -1.08 -14.37 31.38
CA ALA A 68 -1.66 -13.91 30.10
C ALA A 68 -1.32 -14.93 29.03
N GLU A 69 -0.07 -15.42 29.02
CA GLU A 69 0.39 -16.44 28.04
C GLU A 69 -0.48 -17.70 28.19
N ALA A 70 -0.65 -18.21 29.41
CA ALA A 70 -1.39 -19.49 29.64
C ALA A 70 -2.84 -19.30 29.16
N ALA A 71 -3.45 -18.16 29.45
CA ALA A 71 -4.86 -17.86 29.09
C ALA A 71 -4.97 -17.76 27.56
N PHE A 72 -4.14 -16.95 26.93
CA PHE A 72 -4.22 -16.71 25.46
C PHE A 72 -3.87 -17.97 24.65
N GLU A 73 -2.94 -18.78 25.12
CA GLU A 73 -2.64 -20.09 24.49
C GLU A 73 -3.92 -20.93 24.58
N GLY A 74 -4.68 -20.87 25.68
CA GLY A 74 -5.96 -21.60 25.79
C GLY A 74 -6.95 -21.13 24.73
N VAL A 75 -7.10 -19.81 24.58
CA VAL A 75 -8.04 -19.18 23.62
C VAL A 75 -7.65 -19.62 22.20
N PHE A 76 -6.37 -19.50 21.86
CA PHE A 76 -5.85 -19.84 20.51
C PHE A 76 -6.10 -21.32 20.23
N ALA A 77 -5.84 -22.20 21.21
CA ALA A 77 -6.13 -23.64 21.05
C ALA A 77 -7.61 -23.82 20.73
N ALA A 78 -8.50 -23.20 21.51
CA ALA A 78 -9.96 -23.35 21.31
C ALA A 78 -10.34 -22.81 19.92
N LEU A 79 -9.73 -21.71 19.43
CA LEU A 79 -10.08 -21.14 18.11
C LEU A 79 -9.64 -22.11 17.00
N MET A 80 -8.60 -22.91 17.22
CA MET A 80 -8.09 -23.85 16.18
C MET A 80 -8.83 -25.21 16.29
N ASP A 81 -9.46 -25.51 17.42
CA ASP A 81 -10.18 -26.80 17.64
C ASP A 81 -11.40 -26.89 16.72
N GLY A 82 -11.70 -28.05 16.19
CA GLY A 82 -12.87 -28.23 15.31
C GLY A 82 -12.52 -28.03 13.84
N LEU A 83 -11.29 -27.69 13.49
CA LEU A 83 -10.91 -27.57 12.06
C LEU A 83 -10.42 -28.94 11.58
N ASP A 84 -10.74 -29.35 10.36
CA ASP A 84 -10.00 -30.46 9.72
C ASP A 84 -8.57 -30.01 9.49
N PRO A 85 -7.56 -30.87 9.70
CA PRO A 85 -6.17 -30.49 9.50
C PRO A 85 -5.95 -30.09 8.03
N VAL A 86 -4.98 -29.23 7.79
CA VAL A 86 -4.54 -28.87 6.42
C VAL A 86 -3.91 -30.14 5.84
N PRO A 87 -4.45 -30.65 4.72
CA PRO A 87 -3.91 -31.88 4.15
C PRO A 87 -2.58 -31.66 3.40
N GLY A 88 -1.76 -32.71 3.33
CA GLY A 88 -0.65 -32.79 2.37
C GLY A 88 0.52 -31.89 2.76
N ILE A 89 0.78 -31.72 4.04
CA ILE A 89 1.94 -30.93 4.56
C ILE A 89 2.94 -31.88 5.20
N GLU A 90 4.20 -31.86 4.76
CA GLU A 90 5.31 -32.58 5.43
C GLU A 90 5.95 -31.61 6.43
N ARG A 91 6.11 -32.06 7.68
CA ARG A 91 6.66 -31.24 8.78
C ARG A 91 7.95 -31.86 9.30
N ARG A 92 8.93 -31.04 9.65
CA ARG A 92 10.15 -31.46 10.38
C ARG A 92 10.46 -30.44 11.45
N THR A 93 11.12 -30.87 12.52
CA THR A 93 11.70 -29.96 13.52
C THR A 93 13.22 -30.12 13.47
N GLU A 94 13.91 -29.03 13.19
CA GLU A 94 15.39 -28.98 13.26
C GLU A 94 15.73 -28.21 14.53
N THR A 95 16.86 -28.52 15.14
CA THR A 95 17.32 -27.76 16.30
C THR A 95 18.68 -27.17 16.00
N ILE A 96 18.86 -25.87 16.23
CA ILE A 96 20.16 -25.22 15.98
C ILE A 96 20.68 -24.56 17.26
N SER A 97 21.99 -24.26 17.27
CA SER A 97 22.65 -23.56 18.40
C SER A 97 22.41 -22.07 18.20
N GLY A 98 21.88 -21.41 19.22
CA GLY A 98 21.72 -19.95 19.25
C GLY A 98 22.99 -19.27 19.74
N PRO A 99 23.02 -17.93 19.71
CA PRO A 99 24.23 -17.20 20.06
C PRO A 99 24.58 -17.22 21.55
N ALA A 100 23.67 -17.64 22.44
CA ALA A 100 23.94 -17.70 23.90
C ALA A 100 24.04 -19.16 24.39
N GLY A 101 24.39 -20.10 23.51
CA GLY A 101 24.36 -21.54 23.82
C GLY A 101 22.95 -22.09 23.99
N ASN A 102 21.92 -21.32 23.66
CA ASN A 102 20.50 -21.76 23.73
C ASN A 102 20.25 -22.67 22.53
N GLU A 103 19.27 -23.54 22.64
CA GLU A 103 18.79 -24.35 21.49
C GLU A 103 17.66 -23.54 20.83
N ILE A 104 17.70 -23.39 19.50
CA ILE A 104 16.57 -22.79 18.74
C ILE A 104 15.89 -23.86 17.90
N LYS A 105 14.58 -24.06 18.07
CA LYS A 105 13.82 -25.01 17.21
C LYS A 105 13.35 -24.30 15.94
N LEU A 106 13.39 -25.02 14.82
CA LEU A 106 12.86 -24.55 13.52
C LEU A 106 11.79 -25.54 13.11
N TYR A 107 10.57 -25.06 12.86
CA TYR A 107 9.44 -25.90 12.40
C TYR A 107 9.28 -25.72 10.91
N VAL A 108 9.53 -26.77 10.15
CA VAL A 108 9.60 -26.70 8.66
C VAL A 108 8.32 -27.34 8.12
N HIS A 109 7.68 -26.63 7.20
CA HIS A 109 6.43 -27.05 6.55
C HIS A 109 6.64 -26.99 5.03
N ARG A 110 6.19 -28.00 4.31
CA ARG A 110 6.27 -28.01 2.84
C ARG A 110 5.15 -28.89 2.30
N PRO A 111 4.73 -28.62 1.06
CA PRO A 111 3.75 -29.44 0.36
C PRO A 111 4.37 -30.82 0.16
N ALA A 112 3.63 -31.86 0.44
CA ALA A 112 4.10 -33.23 0.14
C ALA A 112 4.33 -33.37 -1.36
N GLY A 113 5.43 -34.03 -1.75
CA GLY A 113 5.73 -34.38 -3.16
C GLY A 113 5.98 -33.17 -4.07
N ALA A 114 6.48 -32.04 -3.56
CA ALA A 114 6.98 -30.92 -4.41
C ALA A 114 8.04 -31.47 -5.39
N VAL A 115 8.05 -31.03 -6.64
CA VAL A 115 8.98 -31.57 -7.68
C VAL A 115 10.14 -30.60 -7.89
N GLY A 116 10.18 -29.49 -7.17
CA GLY A 116 11.32 -28.56 -7.28
C GLY A 116 11.29 -27.47 -6.22
N PRO A 117 12.15 -26.44 -6.34
CA PRO A 117 12.19 -25.37 -5.35
C PRO A 117 10.87 -24.60 -5.32
N LEU A 118 10.56 -24.04 -4.16
CA LEU A 118 9.38 -23.19 -3.90
C LEU A 118 9.83 -22.00 -3.09
N PRO A 119 9.08 -20.88 -3.13
CA PRO A 119 9.42 -19.73 -2.32
C PRO A 119 9.41 -20.13 -0.84
N GLY A 120 10.42 -19.65 -0.12
CA GLY A 120 10.55 -19.87 1.32
C GLY A 120 10.03 -18.69 2.11
N ILE A 121 9.47 -19.02 3.27
CA ILE A 121 8.97 -18.04 4.26
C ILE A 121 9.59 -18.38 5.61
N PHE A 122 10.38 -17.45 6.12
CA PHE A 122 10.96 -17.50 7.48
C PHE A 122 9.95 -16.78 8.38
N HIS A 123 9.16 -17.53 9.14
CA HIS A 123 7.99 -17.00 9.89
C HIS A 123 8.31 -16.69 11.34
N ILE A 124 8.01 -15.46 11.76
CA ILE A 124 8.28 -15.01 13.13
C ILE A 124 6.94 -14.74 13.82
N HIS A 125 6.63 -15.54 14.84
CA HIS A 125 5.32 -15.48 15.52
C HIS A 125 5.19 -14.19 16.35
N GLY A 126 3.96 -13.81 16.62
CA GLY A 126 3.61 -12.71 17.51
C GLY A 126 3.50 -13.11 18.98
N GLY A 127 3.08 -12.16 19.79
CA GLY A 127 3.08 -12.23 21.26
C GLY A 127 3.94 -11.15 21.85
N GLY A 128 4.01 -9.99 21.21
CA GLY A 128 4.66 -8.77 21.78
C GLY A 128 6.13 -8.98 22.10
N MET A 129 6.79 -9.94 21.43
CA MET A 129 8.19 -10.39 21.66
C MET A 129 8.39 -10.91 23.08
N VAL A 130 7.30 -11.10 23.83
CA VAL A 130 7.36 -11.51 25.26
C VAL A 130 6.65 -12.85 25.53
N ILE A 131 5.61 -13.23 24.78
CA ILE A 131 4.85 -14.46 25.10
C ILE A 131 4.46 -15.21 23.81
N LEU A 132 3.98 -16.47 24.01
CA LEU A 132 3.38 -17.38 23.00
C LEU A 132 4.51 -18.19 22.34
N GLN A 133 4.19 -19.41 21.93
CA GLN A 133 5.14 -20.36 21.30
C GLN A 133 4.75 -20.56 19.84
N ALA A 134 5.76 -20.57 18.95
CA ALA A 134 5.58 -20.99 17.55
C ALA A 134 5.04 -22.42 17.53
N ALA A 135 5.28 -23.22 18.58
CA ALA A 135 4.72 -24.59 18.67
C ALA A 135 3.21 -24.57 18.84
N GLY A 136 2.59 -23.42 19.11
CA GLY A 136 1.16 -23.34 19.43
C GLY A 136 0.27 -23.53 18.19
N PRO A 137 -0.96 -24.07 18.35
CA PRO A 137 -1.81 -24.37 17.21
C PRO A 137 -2.11 -23.23 16.22
N VAL A 138 -2.22 -21.98 16.69
CA VAL A 138 -2.50 -20.83 15.80
C VAL A 138 -1.34 -20.70 14.77
N TYR A 139 -0.08 -20.89 15.18
CA TYR A 139 1.11 -20.70 14.31
C TYR A 139 1.34 -21.96 13.49
N VAL A 140 1.17 -23.13 14.10
CA VAL A 140 1.17 -24.39 13.31
C VAL A 140 0.17 -24.24 12.15
N ARG A 141 -1.06 -23.80 12.43
CA ARG A 141 -2.11 -23.67 11.41
C ARG A 141 -1.64 -22.70 10.34
N PHE A 142 -1.15 -21.50 10.72
CA PHE A 142 -0.74 -20.45 9.75
C PHE A 142 0.40 -20.99 8.86
N ARG A 143 1.37 -21.70 9.43
CA ARG A 143 2.53 -22.23 8.63
C ARG A 143 2.04 -23.32 7.67
N ASP A 144 1.17 -24.22 8.12
CA ASP A 144 0.56 -25.25 7.24
C ASP A 144 -0.22 -24.57 6.10
N GLU A 145 -1.04 -23.58 6.42
CA GLU A 145 -1.88 -22.86 5.41
C GLU A 145 -0.96 -22.22 4.36
N LEU A 146 0.15 -21.56 4.77
CA LEU A 146 1.10 -20.95 3.79
C LEU A 146 1.78 -22.05 2.97
N ALA A 147 2.22 -23.14 3.62
CA ALA A 147 2.89 -24.25 2.93
C ALA A 147 1.95 -24.82 1.85
N ALA A 148 0.67 -24.95 2.17
CA ALA A 148 -0.34 -25.54 1.28
C ALA A 148 -0.44 -24.76 -0.02
N THR A 149 -0.06 -23.48 -0.07
CA THR A 149 -0.22 -22.66 -1.29
C THR A 149 0.95 -22.93 -2.24
N GLY A 150 1.96 -23.71 -1.82
CA GLY A 150 3.19 -23.91 -2.60
C GLY A 150 4.35 -23.10 -2.07
N THR A 151 4.66 -23.24 -0.79
CA THR A 151 5.80 -22.58 -0.13
C THR A 151 6.47 -23.53 0.85
N VAL A 152 7.71 -23.19 1.19
CA VAL A 152 8.48 -23.83 2.27
C VAL A 152 8.54 -22.82 3.42
N VAL A 153 7.91 -23.18 4.52
CA VAL A 153 7.78 -22.30 5.71
C VAL A 153 8.66 -22.82 6.82
N VAL A 154 9.48 -21.93 7.38
CA VAL A 154 10.30 -22.25 8.57
C VAL A 154 9.87 -21.34 9.72
N GLY A 155 9.27 -21.91 10.76
CA GLY A 155 8.84 -21.19 11.97
C GLY A 155 9.96 -21.21 13.00
N VAL A 156 10.46 -20.05 13.40
CA VAL A 156 11.58 -19.99 14.38
C VAL A 156 11.02 -19.89 15.80
N GLU A 157 11.52 -20.74 16.70
CA GLU A 157 11.20 -20.72 18.15
C GLU A 157 12.33 -20.00 18.90
N TYR A 158 12.24 -18.69 18.97
CA TYR A 158 13.26 -17.80 19.58
C TYR A 158 12.95 -17.60 21.07
N ARG A 159 13.94 -17.13 21.81
CA ARG A 159 13.76 -16.73 23.22
C ARG A 159 12.76 -15.56 23.34
N ASN A 160 11.83 -15.70 24.27
CA ASN A 160 10.83 -14.67 24.58
C ASN A 160 11.31 -13.79 25.74
N GLY A 161 10.81 -12.55 25.77
CA GLY A 161 10.98 -11.66 26.92
C GLY A 161 10.38 -12.22 28.19
N ALA A 162 9.39 -13.10 28.08
CA ALA A 162 8.68 -13.62 29.28
C ALA A 162 8.02 -14.98 29.00
N GLY A 163 7.12 -15.41 29.90
CA GLY A 163 6.44 -16.70 29.78
C GLY A 163 7.41 -17.89 29.77
N VAL A 164 6.93 -19.02 29.25
CA VAL A 164 7.64 -20.31 29.45
C VAL A 164 8.93 -20.29 28.62
N LEU A 165 9.05 -19.45 27.58
CA LEU A 165 10.32 -19.38 26.80
C LEU A 165 11.18 -18.20 27.27
N GLY A 166 10.84 -17.64 28.43
CA GLY A 166 11.44 -16.39 28.93
C GLY A 166 12.20 -16.66 30.21
N PRO A 167 12.69 -15.64 30.93
CA PRO A 167 12.67 -14.25 30.47
C PRO A 167 13.99 -13.82 29.85
N HIS A 168 13.95 -13.33 28.62
CA HIS A 168 15.16 -12.92 27.84
C HIS A 168 14.89 -11.55 27.24
N PRO A 169 15.34 -10.47 27.89
CA PRO A 169 15.20 -9.13 27.31
C PRO A 169 15.83 -8.97 25.93
N PHE A 170 15.30 -7.98 25.23
CA PHE A 170 15.86 -7.43 23.98
C PHE A 170 17.36 -7.31 24.17
N PRO A 171 18.22 -7.66 23.18
CA PRO A 171 17.83 -8.16 21.86
C PRO A 171 17.94 -9.68 21.64
N ALA A 172 17.60 -10.44 22.67
CA ALA A 172 17.83 -11.90 22.67
C ALA A 172 17.03 -12.53 21.53
N GLY A 173 15.72 -12.30 21.53
CA GLY A 173 14.87 -12.85 20.46
C GLY A 173 15.35 -12.41 19.09
N LEU A 174 15.70 -11.13 18.95
CA LEU A 174 16.14 -10.58 17.65
C LEU A 174 17.40 -11.30 17.18
N HIS A 175 18.36 -11.53 18.08
CA HIS A 175 19.62 -12.24 17.77
C HIS A 175 19.30 -13.69 17.36
N ASP A 176 18.39 -14.33 18.06
CA ASP A 176 17.96 -15.70 17.72
C ASP A 176 17.39 -15.73 16.30
N CYS A 177 16.57 -14.75 15.96
CA CYS A 177 15.93 -14.68 14.63
C CYS A 177 17.03 -14.54 13.57
N ALA A 178 18.05 -13.72 13.84
CA ALA A 178 19.21 -13.48 12.96
C ALA A 178 19.90 -14.82 12.66
N VAL A 179 20.19 -15.56 13.70
CA VAL A 179 21.00 -16.81 13.59
C VAL A 179 20.17 -17.84 12.82
N ALA A 180 18.90 -17.94 13.14
CA ALA A 180 17.98 -18.90 12.47
C ALA A 180 17.82 -18.51 10.99
N LEU A 181 17.69 -17.23 10.68
CA LEU A 181 17.58 -16.77 9.27
C LEU A 181 18.86 -17.19 8.54
N ASP A 182 20.03 -16.94 9.14
CA ASP A 182 21.31 -17.30 8.45
C ASP A 182 21.34 -18.81 8.21
N TRP A 183 20.87 -19.60 9.17
CA TRP A 183 20.86 -21.09 9.10
C TRP A 183 20.03 -21.58 7.93
N VAL A 184 18.88 -20.96 7.73
CA VAL A 184 17.96 -21.29 6.62
C VAL A 184 18.56 -20.81 5.30
N HIS A 185 19.02 -19.56 5.23
CA HIS A 185 19.65 -19.01 4.01
C HIS A 185 20.79 -19.92 3.54
N ALA A 186 21.65 -20.34 4.46
CA ALA A 186 22.83 -21.20 4.17
C ALA A 186 22.39 -22.49 3.49
N ARG A 187 21.14 -22.90 3.68
CA ARG A 187 20.64 -24.25 3.32
C ARG A 187 19.46 -24.18 2.34
N ARG A 188 19.31 -23.10 1.58
CA ARG A 188 18.16 -22.97 0.64
C ARG A 188 18.06 -24.19 -0.27
N ALA A 189 19.16 -24.61 -0.89
CA ALA A 189 19.12 -25.75 -1.82
C ALA A 189 18.61 -27.01 -1.09
N GLU A 190 19.19 -27.43 0.02
CA GLU A 190 18.74 -28.69 0.66
C GLU A 190 17.33 -28.52 1.24
N LEU A 191 16.90 -27.29 1.55
CA LEU A 191 15.54 -27.08 2.09
C LEU A 191 14.51 -26.92 0.98
N GLY A 192 14.91 -26.94 -0.30
CA GLY A 192 13.97 -26.80 -1.41
C GLY A 192 13.44 -25.37 -1.57
N ILE A 193 14.22 -24.39 -1.17
CA ILE A 193 13.80 -22.95 -1.15
C ILE A 193 14.41 -22.22 -2.34
N SER A 194 13.60 -21.44 -3.06
CA SER A 194 14.07 -20.48 -4.11
C SER A 194 14.41 -19.17 -3.41
N THR A 195 13.46 -18.24 -3.42
CA THR A 195 13.54 -16.91 -2.76
C THR A 195 13.18 -17.10 -1.28
N LEU A 196 13.57 -16.17 -0.45
CA LEU A 196 13.33 -16.26 1.00
C LEU A 196 12.75 -14.94 1.50
N THR A 197 11.59 -15.07 2.13
CA THR A 197 10.81 -13.94 2.66
C THR A 197 10.74 -14.08 4.18
N VAL A 198 10.98 -12.99 4.89
CA VAL A 198 10.77 -12.91 6.36
C VAL A 198 9.38 -12.33 6.58
N ALA A 199 8.56 -13.01 7.39
CA ALA A 199 7.17 -12.61 7.64
C ALA A 199 6.80 -12.83 9.09
N GLY A 200 5.85 -12.03 9.56
CA GLY A 200 5.27 -12.20 10.89
C GLY A 200 4.24 -11.14 11.19
N GLU A 201 3.45 -11.39 12.22
CA GLU A 201 2.37 -10.47 12.67
C GLU A 201 2.69 -9.92 14.06
N SER A 202 2.28 -8.67 14.27
CA SER A 202 2.23 -8.02 15.61
C SER A 202 3.66 -7.99 16.12
N GLY A 203 3.97 -8.63 17.25
CA GLY A 203 5.36 -8.71 17.73
C GLY A 203 6.28 -9.37 16.71
N GLY A 204 5.78 -10.32 15.96
CA GLY A 204 6.54 -11.02 14.89
C GLY A 204 6.75 -10.10 13.70
N GLY A 205 5.81 -9.19 13.49
CA GLY A 205 5.96 -8.08 12.52
C GLY A 205 7.10 -7.17 12.94
N ASN A 206 7.15 -6.81 14.21
CA ASN A 206 8.26 -6.03 14.82
C ASN A 206 9.60 -6.75 14.54
N LEU A 207 9.74 -8.01 14.98
CA LEU A 207 11.01 -8.73 14.77
C LEU A 207 11.31 -8.88 13.28
N THR A 208 10.29 -9.06 12.42
CA THR A 208 10.46 -9.15 10.95
C THR A 208 11.10 -7.86 10.41
N LEU A 209 10.57 -6.71 10.77
CA LEU A 209 11.07 -5.43 10.19
C LEU A 209 12.46 -5.14 10.73
N ALA A 210 12.67 -5.39 12.03
CA ALA A 210 13.96 -5.18 12.72
C ALA A 210 15.02 -6.12 12.12
N THR A 211 14.62 -7.37 11.77
CA THR A 211 15.51 -8.38 11.19
C THR A 211 16.04 -7.79 9.88
N ALA A 212 15.21 -7.07 9.09
CA ALA A 212 15.68 -6.57 7.78
C ALA A 212 16.62 -5.40 8.05
N ILE A 213 16.27 -4.53 9.00
CA ILE A 213 17.11 -3.33 9.33
C ILE A 213 18.49 -3.87 9.78
N ARG A 214 18.48 -4.85 10.69
CA ARG A 214 19.71 -5.43 11.28
CA ARG A 214 19.73 -5.39 11.26
C ARG A 214 20.55 -6.07 10.16
N ALA A 215 19.90 -6.84 9.29
CA ALA A 215 20.60 -7.57 8.20
C ALA A 215 21.36 -6.57 7.31
N LYS A 216 20.79 -5.42 6.98
CA LYS A 216 21.52 -4.40 6.18
C LYS A 216 22.78 -4.01 6.95
N ARG A 217 22.62 -3.68 8.22
CA ARG A 217 23.78 -3.16 9.02
C ARG A 217 24.90 -4.20 9.04
N GLU A 218 24.54 -5.48 9.04
CA GLU A 218 25.50 -6.60 9.28
CA GLU A 218 25.50 -6.60 9.29
C GLU A 218 25.94 -7.23 7.96
N GLY A 219 25.52 -6.68 6.83
CA GLY A 219 25.90 -7.20 5.51
C GLY A 219 25.27 -8.56 5.23
N ARG A 220 24.08 -8.84 5.75
CA ARG A 220 23.42 -10.16 5.55
C ARG A 220 22.14 -10.03 4.71
N LEU A 221 21.96 -8.95 3.93
CA LEU A 221 20.72 -8.77 3.12
C LEU A 221 20.54 -9.84 2.04
N ASP A 222 21.60 -10.55 1.62
CA ASP A 222 21.51 -11.73 0.72
C ASP A 222 20.50 -12.74 1.26
N ALA A 223 20.25 -12.76 2.57
CA ALA A 223 19.34 -13.76 3.18
C ALA A 223 17.88 -13.36 2.96
N ILE A 224 17.63 -12.13 2.49
CA ILE A 224 16.25 -11.55 2.50
C ILE A 224 15.91 -11.07 1.10
N ASP A 225 14.98 -11.77 0.43
CA ASP A 225 14.47 -11.34 -0.89
C ASP A 225 13.21 -10.48 -0.70
N GLY A 226 12.54 -10.61 0.45
CA GLY A 226 11.27 -9.92 0.67
C GLY A 226 10.91 -9.92 2.14
N VAL A 227 10.05 -8.99 2.52
CA VAL A 227 9.60 -8.79 3.90
C VAL A 227 8.10 -8.60 3.87
N TYR A 228 7.37 -9.38 4.66
CA TYR A 228 5.90 -9.27 4.74
C TYR A 228 5.51 -9.16 6.21
N ALA A 229 5.16 -7.95 6.62
CA ALA A 229 4.82 -7.64 8.01
C ALA A 229 3.31 -7.44 8.11
N LEU A 230 2.66 -8.19 9.01
CA LEU A 230 1.19 -8.09 9.28
C LEU A 230 0.98 -7.42 10.63
N VAL A 231 0.05 -6.47 10.68
CA VAL A 231 -0.40 -5.76 11.92
C VAL A 231 0.81 -5.52 12.82
N PRO A 232 1.88 -4.87 12.31
CA PRO A 232 3.10 -4.76 13.09
C PRO A 232 2.93 -3.94 14.37
N TYR A 233 3.58 -4.43 15.42
CA TYR A 233 3.61 -3.90 16.81
C TYR A 233 4.94 -3.17 16.99
N ILE A 234 5.01 -1.90 16.59
CA ILE A 234 6.32 -1.26 16.32
C ILE A 234 6.54 0.12 16.96
N SER A 235 5.52 0.82 17.49
CA SER A 235 5.74 2.20 18.00
C SER A 235 6.33 2.14 19.41
N GLY A 236 5.94 1.16 20.22
CA GLY A 236 6.33 1.10 21.63
C GLY A 236 5.73 2.26 22.44
N MET A 237 4.69 2.93 21.92
CA MET A 237 4.16 4.18 22.49
C MET A 237 2.88 3.95 23.32
N TYR A 238 2.62 2.72 23.75
CA TYR A 238 1.31 2.32 24.32
C TYR A 238 1.14 2.99 25.68
N GLY A 239 2.23 3.32 26.36
CA GLY A 239 2.25 3.86 27.74
C GLY A 239 2.08 5.36 27.75
N ARG A 240 2.08 6.02 26.59
CA ARG A 240 1.84 7.48 26.51
C ARG A 240 0.39 7.82 26.90
N SER A 241 0.14 9.10 27.21
CA SER A 241 -1.22 9.54 27.66
C SER A 241 -2.22 9.35 26.51
N ARG A 242 -3.51 9.32 26.81
CA ARG A 242 -4.58 9.28 25.78
C ARG A 242 -4.41 10.44 24.78
N GLU A 243 -4.02 11.63 25.24
CA GLU A 243 -3.87 12.83 24.36
C GLU A 243 -2.61 12.67 23.50
N GLU A 244 -1.51 12.18 24.07
CA GLU A 244 -0.26 12.00 23.30
C GLU A 244 -0.48 10.93 22.22
N ARG A 245 -1.13 9.84 22.59
CA ARG A 245 -1.42 8.76 21.63
C ARG A 245 -2.33 9.31 20.52
N GLU A 246 -3.38 10.03 20.87
CA GLU A 246 -4.35 10.55 19.88
C GLU A 246 -3.65 11.52 18.92
N ALA A 247 -2.71 12.33 19.41
CA ALA A 247 -2.01 13.34 18.60
C ALA A 247 -1.18 12.66 17.52
N GLU A 248 -0.52 11.56 17.85
CA GLU A 248 0.51 10.95 16.97
C GLU A 248 -0.03 9.73 16.22
N LEU A 249 -0.76 8.83 16.89
CA LEU A 249 -1.27 7.57 16.28
C LEU A 249 -2.70 7.37 16.75
N PRO A 250 -3.67 8.10 16.15
CA PRO A 250 -5.01 8.15 16.71
C PRO A 250 -5.66 6.75 16.82
N SER A 251 -5.26 5.78 16.01
CA SER A 251 -5.85 4.43 16.10
C SER A 251 -5.60 3.87 17.52
N LEU A 252 -4.50 4.27 18.18
CA LEU A 252 -4.15 3.76 19.54
C LEU A 252 -5.23 4.18 20.53
N VAL A 253 -6.01 5.23 20.24
CA VAL A 253 -7.19 5.60 21.08
C VAL A 253 -8.48 5.05 20.46
N GLU A 254 -8.68 5.28 19.16
CA GLU A 254 -9.89 4.89 18.39
C GLU A 254 -10.28 3.43 18.67
N CYS A 255 -9.30 2.54 18.67
CA CYS A 255 -9.51 1.08 18.77
C CYS A 255 -8.80 0.53 20.00
N ASP A 256 -8.44 1.35 20.98
CA ASP A 256 -7.86 0.81 22.24
C ASP A 256 -8.84 -0.19 22.88
N GLY A 257 -8.35 -1.31 23.39
CA GLY A 257 -9.19 -2.33 24.05
C GLY A 257 -9.83 -3.29 23.07
N TYR A 258 -9.73 -2.99 21.77
CA TYR A 258 -10.28 -3.90 20.73
C TYR A 258 -9.31 -5.09 20.61
N PHE A 259 -9.57 -6.16 21.34
CA PHE A 259 -8.73 -7.39 21.46
C PHE A 259 -7.46 -7.12 22.26
N ILE A 260 -6.71 -6.09 21.89
CA ILE A 260 -5.48 -5.67 22.64
C ILE A 260 -5.66 -4.28 23.24
N SER A 261 -4.97 -4.04 24.36
CA SER A 261 -5.10 -2.82 25.18
C SER A 261 -3.73 -2.19 25.35
N CYS A 262 -3.69 -0.89 25.16
CA CYS A 262 -2.46 -0.08 25.35
C CYS A 262 -1.89 -0.29 26.77
N ASP A 263 -2.70 -0.38 27.82
CA ASP A 263 -2.17 -0.52 29.20
C ASP A 263 -1.37 -1.84 29.33
N LEU A 264 -1.89 -2.95 28.86
CA LEU A 264 -1.15 -4.24 28.96
C LEU A 264 0.07 -4.17 28.03
N CYS A 265 -0.06 -3.60 26.82
CA CYS A 265 1.10 -3.49 25.90
C CYS A 265 2.17 -2.65 26.61
N ALA A 266 1.78 -1.59 27.33
CA ALA A 266 2.79 -0.73 27.98
C ALA A 266 3.58 -1.56 29.01
N VAL A 267 2.92 -2.50 29.70
CA VAL A 267 3.65 -3.43 30.62
C VAL A 267 4.61 -4.25 29.74
N PHE A 268 4.14 -4.75 28.62
CA PHE A 268 4.92 -5.72 27.82
C PHE A 268 6.13 -4.99 27.20
N VAL A 269 6.03 -3.68 26.93
CA VAL A 269 7.18 -2.86 26.47
C VAL A 269 8.28 -2.90 27.54
N GLU A 270 7.91 -2.62 28.80
CA GLU A 270 8.87 -2.65 29.92
C GLU A 270 9.44 -4.06 30.08
N VAL A 271 8.59 -5.09 29.94
CA VAL A 271 9.08 -6.49 30.11
C VAL A 271 10.12 -6.79 29.06
N TYR A 272 9.85 -6.41 27.82
CA TYR A 272 10.76 -6.69 26.68
C TYR A 272 12.10 -5.99 26.91
N ASP A 273 12.04 -4.72 27.33
CA ASP A 273 13.25 -3.87 27.40
C ASP A 273 13.27 -3.16 28.75
N PRO A 274 13.61 -3.86 29.84
CA PRO A 274 13.49 -3.28 31.17
C PRO A 274 14.47 -2.11 31.30
N GLY A 275 13.99 -1.00 31.83
CA GLY A 275 14.71 0.29 31.86
C GLY A 275 14.51 1.13 30.60
N THR A 276 13.93 0.55 29.55
CA THR A 276 13.53 1.19 28.27
C THR A 276 14.66 2.06 27.71
N ALA A 277 15.89 1.57 27.78
CA ALA A 277 17.04 2.25 27.14
C ALA A 277 16.91 2.14 25.62
N HIS A 278 16.04 1.27 25.12
CA HIS A 278 15.89 1.05 23.65
C HIS A 278 14.53 1.54 23.13
N LEU A 279 13.85 2.42 23.86
CA LEU A 279 12.51 2.89 23.50
C LEU A 279 12.54 3.61 22.14
N THR A 280 13.65 4.25 21.76
CA THR A 280 13.74 4.99 20.48
C THR A 280 14.66 4.24 19.51
N ASP A 281 15.03 3.02 19.81
CA ASP A 281 15.97 2.22 18.97
C ASP A 281 15.12 1.44 17.98
N PRO A 282 15.33 1.63 16.66
CA PRO A 282 14.52 0.96 15.66
C PRO A 282 14.66 -0.57 15.68
N LEU A 283 15.73 -1.11 16.24
CA LEU A 283 15.85 -2.59 16.39
C LEU A 283 14.89 -3.11 17.46
N ALA A 284 14.49 -2.28 18.43
CA ALA A 284 13.43 -2.64 19.42
C ALA A 284 12.04 -2.21 18.92
N TRP A 285 11.95 -1.03 18.28
CA TRP A 285 10.68 -0.34 17.89
C TRP A 285 10.83 0.29 16.51
N PRO A 286 10.71 -0.53 15.44
CA PRO A 286 10.98 -0.10 14.05
C PRO A 286 10.26 1.18 13.62
N TYR A 287 9.21 1.58 14.33
CA TYR A 287 8.52 2.86 14.04
C TYR A 287 9.56 3.98 14.06
N HIS A 288 10.62 3.86 14.85
CA HIS A 288 11.66 4.92 14.99
C HIS A 288 12.71 4.88 13.88
N ALA A 289 12.59 3.99 12.89
CA ALA A 289 13.60 3.90 11.80
C ALA A 289 13.79 5.25 11.11
N ALA A 290 15.05 5.64 10.93
CA ALA A 290 15.48 6.75 10.08
C ALA A 290 15.52 6.29 8.64
N ARG A 291 15.58 7.25 7.71
CA ARG A 291 15.72 6.96 6.26
C ARG A 291 16.96 6.08 6.09
N GLU A 292 18.03 6.37 6.83
CA GLU A 292 19.31 5.62 6.72
C GLU A 292 19.07 4.14 7.01
N ASP A 293 18.11 3.83 7.90
CA ASP A 293 17.84 2.43 8.32
C ASP A 293 17.09 1.67 7.21
N LEU A 294 16.36 2.37 6.36
CA LEU A 294 15.40 1.75 5.40
C LEU A 294 15.93 1.77 3.96
N VAL A 295 16.83 2.70 3.59
CA VAL A 295 17.34 2.74 2.20
C VAL A 295 18.02 1.40 1.88
N GLY A 296 17.73 0.86 0.71
CA GLY A 296 18.40 -0.33 0.16
C GLY A 296 17.70 -1.61 0.60
N LEU A 297 16.65 -1.53 1.43
CA LEU A 297 16.00 -2.76 1.92
C LEU A 297 15.21 -3.41 0.79
N PRO A 298 15.05 -4.73 0.84
CA PRO A 298 14.34 -5.44 -0.21
C PRO A 298 12.84 -5.15 -0.17
N PRO A 299 12.07 -5.68 -1.12
CA PRO A 299 10.64 -5.39 -1.21
C PRO A 299 9.90 -5.73 0.09
N HIS A 300 8.92 -4.89 0.46
CA HIS A 300 8.14 -5.00 1.71
C HIS A 300 6.66 -4.99 1.39
N VAL A 301 5.89 -5.77 2.15
CA VAL A 301 4.41 -5.56 2.25
C VAL A 301 4.10 -5.24 3.71
N ILE A 302 3.28 -4.20 3.91
CA ILE A 302 2.72 -3.87 5.26
C ILE A 302 1.21 -4.06 5.19
N SER A 303 0.68 -5.05 5.92
CA SER A 303 -0.74 -5.39 5.98
C SER A 303 -1.27 -4.89 7.32
N VAL A 304 -2.25 -3.99 7.30
CA VAL A 304 -2.89 -3.47 8.54
C VAL A 304 -4.37 -3.83 8.52
N ASN A 305 -4.98 -3.73 9.70
CA ASN A 305 -6.35 -4.20 9.97
C ASN A 305 -7.18 -2.99 10.40
N GLU A 306 -8.36 -2.87 9.83
CA GLU A 306 -9.17 -1.62 9.94
C GLU A 306 -9.38 -1.20 11.40
N VAL A 307 -9.77 -2.12 12.30
CA VAL A 307 -10.19 -1.71 13.69
C VAL A 307 -9.16 -2.25 14.69
N ASP A 308 -7.89 -2.11 14.31
CA ASP A 308 -6.72 -2.48 15.11
C ASP A 308 -6.09 -1.20 15.64
N PRO A 309 -5.82 -1.08 16.96
CA PRO A 309 -5.15 0.10 17.48
C PRO A 309 -3.76 0.30 16.87
N LEU A 310 -3.11 -0.78 16.42
CA LEU A 310 -1.79 -0.67 15.73
C LEU A 310 -1.92 -0.18 14.28
N ARG A 311 -3.12 0.03 13.74
CA ARG A 311 -3.28 0.36 12.30
C ARG A 311 -2.35 1.53 11.92
N ASP A 312 -2.37 2.62 12.68
CA ASP A 312 -1.70 3.87 12.24
C ASP A 312 -0.17 3.71 12.27
N GLU A 313 0.40 2.91 13.17
CA GLU A 313 1.89 2.79 13.20
C GLU A 313 2.33 1.92 12.01
N GLY A 314 1.49 0.97 11.58
CA GLY A 314 1.78 0.18 10.38
C GLY A 314 1.75 1.04 9.14
N LEU A 315 0.74 1.89 9.03
CA LEU A 315 0.61 2.82 7.87
C LEU A 315 1.82 3.75 7.86
N ALA A 316 2.23 4.28 9.02
CA ALA A 316 3.40 5.19 9.10
C ALA A 316 4.63 4.47 8.54
N TYR A 317 4.78 3.18 8.85
CA TYR A 317 5.97 2.43 8.40
C TYR A 317 5.92 2.24 6.89
N TYR A 318 4.76 1.95 6.31
CA TYR A 318 4.64 1.91 4.83
C TYR A 318 5.14 3.23 4.24
N ARG A 319 4.68 4.34 4.78
CA ARG A 319 5.02 5.67 4.25
C ARG A 319 6.53 5.86 4.34
N LYS A 320 7.17 5.48 5.45
CA LYS A 320 8.62 5.61 5.64
C LYS A 320 9.34 4.78 4.58
N LEU A 321 8.88 3.54 4.32
CA LEU A 321 9.52 2.67 3.32
C LEU A 321 9.45 3.32 1.94
N VAL A 322 8.28 3.85 1.58
CA VAL A 322 8.11 4.54 0.27
C VAL A 322 9.07 5.73 0.19
N GLU A 323 9.14 6.53 1.25
CA GLU A 323 10.05 7.71 1.29
C GLU A 323 11.51 7.28 1.13
N ALA A 324 11.87 6.04 1.54
CA ALA A 324 13.26 5.53 1.50
C ALA A 324 13.57 4.86 0.15
N GLY A 325 12.57 4.76 -0.76
CA GLY A 325 12.74 4.18 -2.10
C GLY A 325 12.61 2.65 -2.11
N VAL A 326 12.19 2.05 -1.00
CA VAL A 326 11.92 0.59 -0.95
C VAL A 326 10.76 0.27 -1.89
N GLU A 327 10.82 -0.89 -2.51
CA GLU A 327 9.73 -1.39 -3.37
C GLU A 327 8.63 -1.93 -2.45
N ALA A 328 7.80 -1.01 -1.96
CA ALA A 328 6.82 -1.30 -0.90
C ALA A 328 5.40 -1.33 -1.45
N ARG A 329 4.58 -2.15 -0.79
CA ARG A 329 3.13 -2.27 -1.01
C ARG A 329 2.48 -2.27 0.38
N SER A 330 1.20 -1.93 0.42
CA SER A 330 0.40 -1.99 1.67
C SER A 330 -1.02 -2.42 1.33
N ARG A 331 -1.71 -3.00 2.29
CA ARG A 331 -3.14 -3.36 2.18
C ARG A 331 -3.78 -3.17 3.55
N VAL A 332 -5.08 -2.99 3.56
CA VAL A 332 -5.88 -3.06 4.82
C VAL A 332 -6.89 -4.20 4.69
N VAL A 333 -7.08 -4.92 5.80
CA VAL A 333 -8.17 -5.91 5.95
C VAL A 333 -9.38 -5.21 6.54
N PRO A 334 -10.44 -5.01 5.74
CA PRO A 334 -11.65 -4.38 6.26
C PRO A 334 -12.34 -5.18 7.37
N GLY A 335 -12.87 -4.44 8.33
CA GLY A 335 -13.72 -5.00 9.39
C GLY A 335 -12.92 -5.87 10.39
N ALA A 336 -11.59 -5.87 10.32
CA ALA A 336 -10.73 -6.81 11.08
C ALA A 336 -10.15 -6.13 12.33
N CYS A 337 -10.34 -6.77 13.49
CA CYS A 337 -9.59 -6.41 14.71
C CYS A 337 -8.15 -6.88 14.51
N HIS A 338 -7.27 -6.52 15.44
CA HIS A 338 -5.87 -7.01 15.45
C HIS A 338 -5.82 -8.53 15.18
N ALA A 339 -5.06 -8.94 14.15
CA ALA A 339 -4.75 -10.34 13.80
C ALA A 339 -6.02 -11.14 13.48
N ALA A 340 -7.16 -10.50 13.20
CA ALA A 340 -8.43 -11.23 12.90
C ALA A 340 -8.19 -12.22 11.74
N ASP A 341 -7.40 -11.80 10.76
CA ASP A 341 -7.14 -12.58 9.53
C ASP A 341 -6.29 -13.82 9.87
N MET A 342 -5.74 -13.93 11.07
CA MET A 342 -4.98 -15.15 11.42
C MET A 342 -5.63 -15.91 12.55
N MET A 343 -6.58 -15.32 13.29
CA MET A 343 -7.27 -16.00 14.41
C MET A 343 -8.53 -16.73 13.95
N PHE A 344 -9.30 -16.16 13.03
CA PHE A 344 -10.68 -16.61 12.77
C PHE A 344 -10.74 -17.52 11.55
N ARG A 345 -9.88 -18.54 11.49
CA ARG A 345 -9.92 -19.54 10.41
C ARG A 345 -11.34 -20.15 10.35
N LYS A 346 -11.96 -20.41 11.49
CA LYS A 346 -13.29 -21.06 11.56
C LYS A 346 -14.40 -20.06 11.18
N ALA A 347 -14.42 -18.92 11.87
CA ALA A 347 -15.57 -17.98 11.84
C ALA A 347 -15.49 -17.07 10.62
N ALA A 348 -14.30 -16.78 10.07
CA ALA A 348 -14.13 -15.81 8.95
C ALA A 348 -13.12 -16.39 7.97
N PRO A 349 -13.41 -17.55 7.36
CA PRO A 349 -12.44 -18.22 6.51
C PRO A 349 -12.02 -17.39 5.28
N ASP A 350 -12.91 -16.55 4.76
CA ASP A 350 -12.57 -15.76 3.56
C ASP A 350 -11.49 -14.72 3.88
N MET A 351 -11.61 -14.06 5.02
CA MET A 351 -10.63 -13.08 5.54
C MET A 351 -9.26 -13.77 5.71
N TYR A 352 -9.21 -14.93 6.35
CA TYR A 352 -8.00 -15.75 6.53
C TYR A 352 -7.38 -16.06 5.17
N GLU A 353 -8.18 -16.59 4.24
CA GLU A 353 -7.73 -17.06 2.90
C GLU A 353 -7.11 -15.90 2.14
N ALA A 354 -7.71 -14.71 2.21
CA ALA A 354 -7.31 -13.49 1.49
C ALA A 354 -5.88 -13.14 1.93
N THR A 355 -5.56 -13.22 3.22
CA THR A 355 -4.19 -12.88 3.71
C THR A 355 -3.19 -13.97 3.26
N VAL A 356 -3.55 -15.22 3.43
CA VAL A 356 -2.73 -16.35 2.91
C VAL A 356 -2.40 -16.14 1.42
N GLN A 357 -3.39 -15.78 0.61
CA GLN A 357 -3.22 -15.67 -0.85
C GLN A 357 -2.36 -14.44 -1.14
N ASP A 358 -2.56 -13.33 -0.40
CA ASP A 358 -1.74 -12.11 -0.60
C ASP A 358 -0.26 -12.43 -0.33
N ILE A 359 0.02 -13.19 0.72
CA ILE A 359 1.41 -13.57 1.07
C ILE A 359 1.93 -14.48 -0.04
N HIS A 360 1.14 -15.50 -0.45
CA HIS A 360 1.52 -16.39 -1.57
C HIS A 360 1.88 -15.54 -2.80
N ASP A 361 1.01 -14.62 -3.19
CA ASP A 361 1.18 -13.77 -4.39
C ASP A 361 2.48 -12.97 -4.28
N PHE A 362 2.71 -12.37 -3.12
CA PHE A 362 3.96 -11.60 -2.86
C PHE A 362 5.21 -12.48 -3.07
N VAL A 363 5.31 -13.61 -2.37
CA VAL A 363 6.56 -14.41 -2.39
C VAL A 363 6.78 -15.00 -3.80
N THR A 364 5.72 -15.32 -4.54
CA THR A 364 5.86 -15.88 -5.91
CA THR A 364 5.81 -15.86 -5.93
C THR A 364 6.30 -14.77 -6.87
N SER A 365 6.04 -13.50 -6.54
CA SER A 365 6.42 -12.35 -7.37
C SER A 365 7.94 -12.12 -7.32
N LEU A 366 8.64 -12.58 -6.27
CA LEU A 366 10.05 -12.18 -6.06
C LEU A 366 10.97 -12.99 -6.98
N HIS A 367 12.13 -12.40 -7.31
CA HIS A 367 13.24 -13.08 -8.03
C HIS A 367 14.51 -12.87 -7.20
N ARG A 368 15.51 -13.72 -7.38
CA ARG A 368 16.85 -13.57 -6.74
C ARG A 368 17.81 -12.85 -7.69
N SER B 5 29.36 5.78 5.30
CA SER B 5 30.71 6.19 5.74
C SER B 5 31.67 6.03 4.56
N ASN B 6 31.50 6.89 3.55
CA ASN B 6 32.29 6.93 2.31
C ASN B 6 31.55 7.67 1.19
N SER B 7 30.24 7.86 1.30
CA SER B 7 29.41 8.42 0.19
C SER B 7 29.10 9.90 0.45
N THR B 8 29.09 10.70 -0.61
CA THR B 8 28.64 12.11 -0.58
C THR B 8 27.12 12.18 -0.32
N GLU B 9 26.37 11.09 -0.49
CA GLU B 9 24.89 11.12 -0.42
C GLU B 9 24.40 10.91 1.02
N THR B 10 25.21 10.26 1.88
CA THR B 10 24.78 9.94 3.25
C THR B 10 24.36 11.24 3.96
N GLY B 11 23.19 11.23 4.57
CA GLY B 11 22.72 12.31 5.46
C GLY B 11 22.14 13.48 4.68
N ARG B 12 22.04 13.34 3.36
CA ARG B 12 21.42 14.34 2.48
C ARG B 12 19.91 14.07 2.45
N ARG B 13 19.09 15.08 2.59
CA ARG B 13 17.64 14.93 2.32
C ARG B 13 17.47 14.66 0.82
N PRO B 14 16.44 13.88 0.42
CA PRO B 14 16.32 13.44 -0.96
C PRO B 14 16.03 14.60 -1.92
N GLY B 15 16.40 14.39 -3.19
CA GLY B 15 16.08 15.27 -4.31
C GLY B 15 16.41 16.71 -3.98
N ARG B 16 15.50 17.62 -4.30
CA ARG B 16 15.76 19.07 -4.21
C ARG B 16 15.67 19.56 -2.77
N LEU B 17 15.29 18.72 -1.79
CA LEU B 17 15.38 19.12 -0.35
C LEU B 17 16.87 19.10 0.04
N GLY B 18 17.64 18.16 -0.50
CA GLY B 18 19.07 17.97 -0.17
C GLY B 18 20.00 18.80 -1.04
N ASP B 19 19.57 19.20 -2.22
CA ASP B 19 20.39 20.01 -3.16
C ASP B 19 19.37 20.64 -4.09
N PRO B 20 19.15 21.97 -3.98
CA PRO B 20 18.11 22.64 -4.75
C PRO B 20 18.30 22.50 -6.27
N ASP B 21 19.51 22.22 -6.74
CA ASP B 21 19.80 22.07 -8.20
C ASP B 21 19.68 20.62 -8.68
N ARG B 22 19.36 19.67 -7.80
CA ARG B 22 19.15 18.26 -8.22
C ARG B 22 18.03 18.22 -9.27
N CYS B 23 18.17 17.31 -10.25
CA CYS B 23 17.16 17.09 -11.30
C CYS B 23 17.08 15.59 -11.57
N LEU B 24 16.17 15.15 -12.44
CA LEU B 24 16.06 13.70 -12.70
C LEU B 24 17.43 13.15 -13.08
N ARG B 25 18.18 13.89 -13.89
CA ARG B 25 19.48 13.43 -14.46
CA ARG B 25 19.48 13.42 -14.45
C ARG B 25 20.47 13.15 -13.30
N THR B 26 20.44 13.97 -12.26
CA THR B 26 21.43 13.86 -11.16
C THR B 26 20.85 13.19 -9.92
N ASP B 27 19.54 13.01 -9.81
CA ASP B 27 18.97 12.31 -8.62
C ASP B 27 19.41 10.85 -8.67
N PRO B 28 20.12 10.36 -7.64
CA PRO B 28 20.60 8.99 -7.69
C PRO B 28 19.47 7.95 -7.70
N ARG B 29 18.23 8.37 -7.44
CA ARG B 29 17.10 7.43 -7.35
C ARG B 29 16.52 7.13 -8.74
N THR B 30 16.71 8.01 -9.71
CA THR B 30 16.04 7.90 -11.04
C THR B 30 16.53 6.64 -11.77
N ASP B 31 15.60 5.87 -12.34
CA ASP B 31 15.94 4.84 -13.33
C ASP B 31 16.66 5.51 -14.50
N PRO B 32 17.97 5.23 -14.73
CA PRO B 32 18.73 5.98 -15.74
C PRO B 32 18.24 5.81 -17.19
N ARG B 33 17.49 4.74 -17.48
CA ARG B 33 16.92 4.53 -18.83
C ARG B 33 15.91 5.64 -19.12
N THR B 34 15.20 6.12 -18.09
CA THR B 34 14.13 7.13 -18.22
C THR B 34 14.79 8.48 -18.43
N VAL B 35 15.96 8.71 -17.83
CA VAL B 35 16.72 9.97 -18.07
C VAL B 35 17.12 10.06 -19.54
N GLU B 36 17.68 8.98 -20.08
CA GLU B 36 18.07 8.93 -21.51
C GLU B 36 16.81 9.13 -22.36
N ALA B 37 15.68 8.54 -21.98
CA ALA B 37 14.43 8.66 -22.77
C ALA B 37 13.98 10.13 -22.80
N LEU B 38 14.15 10.88 -21.71
CA LEU B 38 13.64 12.27 -21.60
C LEU B 38 14.64 13.28 -22.20
N ALA B 39 15.90 12.89 -22.41
CA ALA B 39 16.96 13.81 -22.86
C ALA B 39 16.60 14.51 -24.16
N PRO B 40 16.04 13.82 -25.18
CA PRO B 40 15.76 14.47 -26.47
C PRO B 40 14.81 15.67 -26.34
N PHE B 41 14.04 15.75 -25.26
CA PHE B 41 13.01 16.79 -25.05
C PHE B 41 13.51 17.80 -24.01
N GLY B 42 14.74 17.65 -23.52
CA GLY B 42 15.32 18.52 -22.47
C GLY B 42 14.65 18.27 -21.13
N LEU B 43 13.96 17.13 -20.95
CA LEU B 43 13.15 16.89 -19.71
C LEU B 43 13.90 15.95 -18.76
N ASP B 44 15.17 15.67 -19.03
CA ASP B 44 16.14 15.05 -18.08
C ASP B 44 16.53 16.10 -17.03
N VAL B 45 16.45 17.39 -17.36
CA VAL B 45 16.81 18.48 -16.41
C VAL B 45 15.52 19.13 -15.92
N ASN B 46 15.59 19.92 -14.87
CA ASN B 46 14.37 20.51 -14.28
C ASN B 46 13.59 21.26 -15.36
N ALA B 47 12.29 21.10 -15.36
CA ALA B 47 11.41 21.82 -16.28
C ALA B 47 11.63 23.32 -16.09
N ALA B 48 11.65 24.04 -17.18
CA ALA B 48 11.71 25.51 -17.21
C ALA B 48 10.53 26.05 -16.41
N PRO B 49 10.80 27.00 -15.49
CA PRO B 49 9.75 27.71 -14.77
C PRO B 49 8.77 28.37 -15.75
N ALA B 50 7.50 28.41 -15.35
CA ALA B 50 6.42 29.01 -16.16
C ALA B 50 6.64 30.52 -16.23
N PRO B 51 6.47 31.17 -17.41
CA PRO B 51 6.67 32.61 -17.50
C PRO B 51 5.43 33.43 -17.12
N ILE B 52 4.31 32.77 -16.80
CA ILE B 52 3.11 33.41 -16.23
C ILE B 52 2.70 32.67 -14.96
N GLY B 53 1.86 33.30 -14.16
CA GLY B 53 1.31 32.63 -12.97
C GLY B 53 -0.22 32.62 -12.97
N PRO B 54 -0.82 32.13 -11.87
CA PRO B 54 -2.26 31.94 -11.76
C PRO B 54 -3.05 33.25 -11.70
N ASP B 55 -2.39 34.41 -11.58
CA ASP B 55 -3.10 35.72 -11.59
C ASP B 55 -3.08 36.34 -13.00
N ALA B 56 -2.43 35.70 -13.97
CA ALA B 56 -2.47 36.15 -15.39
C ALA B 56 -3.92 36.14 -15.86
N PRO B 57 -4.28 36.98 -16.85
CA PRO B 57 -5.62 36.95 -17.43
C PRO B 57 -5.96 35.53 -17.92
N ARG B 58 -7.24 35.14 -17.77
CA ARG B 58 -7.68 33.79 -18.19
C ARG B 58 -7.30 33.53 -19.65
N GLU B 59 -7.48 34.49 -20.56
CA GLU B 59 -7.20 34.27 -22.00
C GLU B 59 -5.74 33.89 -22.18
N GLN B 60 -4.85 34.57 -21.45
CA GLN B 60 -3.41 34.30 -21.49
C GLN B 60 -3.10 32.89 -20.92
N GLN B 61 -3.79 32.46 -19.88
CA GLN B 61 -3.59 31.11 -19.27
C GLN B 61 -4.12 30.03 -20.22
N LEU B 62 -5.23 30.31 -20.89
CA LEU B 62 -5.77 29.35 -21.89
C LEU B 62 -4.76 29.22 -23.05
N GLU B 63 -4.17 30.33 -23.46
CA GLU B 63 -3.14 30.32 -24.54
C GLU B 63 -1.94 29.47 -24.08
N TYR B 64 -1.45 29.68 -22.87
CA TYR B 64 -0.33 28.90 -22.30
C TYR B 64 -0.67 27.40 -22.31
N ALA B 65 -1.85 27.01 -21.85
CA ALA B 65 -2.33 25.61 -21.86
C ALA B 65 -2.34 25.08 -23.29
N MET B 66 -2.75 25.89 -24.27
CA MET B 66 -2.81 25.43 -25.67
C MET B 66 -1.41 25.06 -26.15
N GLY B 67 -0.42 25.90 -25.84
CA GLY B 67 0.99 25.64 -26.15
C GLY B 67 1.54 24.45 -25.40
N ALA B 68 1.24 24.33 -24.09
CA ALA B 68 1.66 23.17 -23.29
C ALA B 68 1.11 21.89 -23.95
N GLU B 69 -0.16 21.90 -24.41
CA GLU B 69 -0.78 20.70 -25.02
C GLU B 69 0.00 20.32 -26.29
N ALA B 70 0.27 21.29 -27.14
CA ALA B 70 0.99 21.05 -28.41
C ALA B 70 2.34 20.43 -28.07
N ALA B 71 3.06 20.98 -27.09
CA ALA B 71 4.39 20.49 -26.70
C ALA B 71 4.29 19.07 -26.12
N PHE B 72 3.40 18.82 -25.15
CA PHE B 72 3.33 17.49 -24.50
C PHE B 72 2.81 16.43 -25.48
N GLU B 73 1.84 16.76 -26.34
CA GLU B 73 1.33 15.77 -27.32
C GLU B 73 2.52 15.40 -28.24
N GLY B 74 3.36 16.38 -28.52
CA GLY B 74 4.61 16.17 -29.29
C GLY B 74 5.52 15.16 -28.58
N VAL B 75 5.75 15.35 -27.29
CA VAL B 75 6.64 14.45 -26.51
C VAL B 75 6.04 13.04 -26.52
N PHE B 76 4.76 12.92 -26.19
CA PHE B 76 4.06 11.61 -26.07
C PHE B 76 4.13 10.86 -27.41
N ALA B 77 3.94 11.57 -28.52
CA ALA B 77 3.96 10.97 -29.86
C ALA B 77 5.37 10.42 -30.16
N ALA B 78 6.42 11.15 -29.84
CA ALA B 78 7.82 10.70 -30.09
C ALA B 78 8.12 9.47 -29.21
N LEU B 79 7.64 9.48 -27.97
CA LEU B 79 7.86 8.33 -27.06
C LEU B 79 7.17 7.07 -27.60
N MET B 80 6.07 7.21 -28.34
CA MET B 80 5.29 6.04 -28.84
C MET B 80 5.78 5.66 -30.25
N ASP B 81 6.41 6.59 -30.95
CA ASP B 81 6.81 6.33 -32.36
C ASP B 81 7.89 5.23 -32.35
N GLY B 82 7.82 4.31 -33.32
CA GLY B 82 8.79 3.22 -33.48
C GLY B 82 8.43 1.96 -32.69
N LEU B 83 7.23 1.87 -32.14
CA LEU B 83 6.78 0.62 -31.50
C LEU B 83 5.85 -0.06 -32.49
N ASP B 84 5.92 -1.38 -32.61
CA ASP B 84 4.88 -2.21 -33.29
C ASP B 84 3.65 -2.20 -32.39
N PRO B 85 2.44 -1.99 -32.95
CA PRO B 85 1.23 -1.97 -32.14
C PRO B 85 1.06 -3.31 -31.42
N VAL B 86 0.33 -3.27 -30.29
CA VAL B 86 -0.03 -4.50 -29.57
C VAL B 86 -0.85 -5.36 -30.52
N PRO B 87 -0.46 -6.63 -30.77
CA PRO B 87 -1.24 -7.47 -31.68
C PRO B 87 -2.50 -8.06 -31.03
N GLY B 88 -3.44 -8.50 -31.87
CA GLY B 88 -4.58 -9.32 -31.42
C GLY B 88 -5.61 -8.49 -30.66
N ILE B 89 -5.72 -7.20 -30.95
CA ILE B 89 -6.70 -6.29 -30.27
C ILE B 89 -7.75 -5.82 -31.28
N GLU B 90 -9.01 -5.95 -30.89
CA GLU B 90 -10.16 -5.42 -31.65
C GLU B 90 -10.52 -4.03 -31.12
N ARG B 91 -10.58 -3.02 -32.01
CA ARG B 91 -10.80 -1.61 -31.61
C ARG B 91 -12.09 -1.11 -32.26
N ARG B 92 -12.85 -0.29 -31.55
CA ARG B 92 -14.09 0.34 -32.10
C ARG B 92 -14.37 1.62 -31.31
N THR B 93 -14.97 2.62 -31.98
CA THR B 93 -15.36 3.88 -31.31
C THR B 93 -16.90 3.88 -31.22
N GLU B 94 -17.44 4.00 -30.03
CA GLU B 94 -18.90 4.24 -29.87
C GLU B 94 -19.08 5.75 -29.68
N THR B 95 -20.14 6.29 -30.24
CA THR B 95 -20.52 7.71 -30.03
C THR B 95 -21.80 7.70 -29.17
N ILE B 96 -21.77 8.36 -28.01
CA ILE B 96 -22.94 8.39 -27.07
C ILE B 96 -23.43 9.82 -26.80
N SER B 97 -24.63 9.93 -26.20
CA SER B 97 -25.29 11.20 -25.86
C SER B 97 -24.73 11.65 -24.51
N GLY B 98 -24.08 12.81 -24.52
CA GLY B 98 -23.48 13.39 -23.31
C GLY B 98 -24.47 14.35 -22.68
N PRO B 99 -24.11 14.98 -21.54
CA PRO B 99 -25.09 15.66 -20.71
C PRO B 99 -25.64 16.99 -21.24
N ALA B 100 -24.89 17.67 -22.11
CA ALA B 100 -25.19 19.07 -22.48
C ALA B 100 -25.46 19.13 -23.99
N GLY B 101 -26.27 18.20 -24.51
CA GLY B 101 -26.42 17.93 -25.96
C GLY B 101 -25.10 17.57 -26.67
N ASN B 102 -23.99 17.44 -25.94
CA ASN B 102 -22.66 17.05 -26.46
C ASN B 102 -22.72 15.56 -26.84
N GLU B 103 -21.94 15.16 -27.83
CA GLU B 103 -21.58 13.74 -28.10
C GLU B 103 -20.26 13.44 -27.39
N ILE B 104 -20.12 12.21 -26.91
CA ILE B 104 -18.92 11.72 -26.18
C ILE B 104 -18.45 10.48 -26.91
N LYS B 105 -17.19 10.47 -27.35
CA LYS B 105 -16.59 9.26 -27.98
C LYS B 105 -16.08 8.31 -26.89
N LEU B 106 -16.34 7.02 -27.05
CA LEU B 106 -15.73 5.93 -26.25
C LEU B 106 -14.85 5.08 -27.18
N TYR B 107 -13.59 4.90 -26.77
CA TYR B 107 -12.62 4.09 -27.52
C TYR B 107 -12.57 2.73 -26.85
N VAL B 108 -13.10 1.72 -27.51
CA VAL B 108 -13.26 0.35 -26.94
C VAL B 108 -12.14 -0.55 -27.47
N HIS B 109 -11.50 -1.28 -26.56
CA HIS B 109 -10.39 -2.22 -26.87
C HIS B 109 -10.72 -3.55 -26.23
N ARG B 110 -10.58 -4.64 -26.97
CA ARG B 110 -10.77 -5.98 -26.40
C ARG B 110 -9.83 -6.96 -27.10
N PRO B 111 -9.49 -8.11 -26.48
CA PRO B 111 -8.67 -9.11 -27.14
C PRO B 111 -9.52 -9.68 -28.28
N ALA B 112 -8.97 -9.81 -29.48
CA ALA B 112 -9.73 -10.37 -30.62
C ALA B 112 -10.12 -11.81 -30.26
N GLY B 113 -11.30 -12.27 -30.62
CA GLY B 113 -11.65 -13.68 -30.32
C GLY B 113 -11.69 -14.03 -28.83
N ALA B 114 -11.72 -13.08 -27.90
CA ALA B 114 -12.10 -13.36 -26.49
C ALA B 114 -13.48 -14.03 -26.52
N VAL B 115 -13.58 -15.19 -25.88
CA VAL B 115 -14.87 -15.84 -25.51
C VAL B 115 -15.20 -15.41 -24.07
N GLY B 116 -16.46 -15.12 -23.84
CA GLY B 116 -16.99 -14.91 -22.49
C GLY B 116 -16.62 -13.53 -21.97
N PRO B 117 -17.29 -13.11 -20.89
CA PRO B 117 -17.09 -11.80 -20.31
C PRO B 117 -15.69 -11.69 -19.69
N LEU B 118 -15.18 -10.46 -19.69
CA LEU B 118 -13.86 -10.13 -19.14
C LEU B 118 -14.04 -8.93 -18.24
N PRO B 119 -13.11 -8.74 -17.28
CA PRO B 119 -13.14 -7.52 -16.49
C PRO B 119 -13.04 -6.30 -17.41
N GLY B 120 -13.82 -5.30 -17.06
CA GLY B 120 -13.88 -4.01 -17.77
C GLY B 120 -13.08 -2.96 -17.05
N ILE B 121 -12.47 -2.09 -17.85
CA ILE B 121 -11.74 -0.90 -17.37
C ILE B 121 -12.26 0.32 -18.09
N PHE B 122 -12.83 1.24 -17.33
CA PHE B 122 -13.26 2.57 -17.79
C PHE B 122 -12.06 3.51 -17.57
N HIS B 123 -11.35 3.84 -18.64
CA HIS B 123 -10.05 4.53 -18.53
C HIS B 123 -10.20 6.02 -18.76
N ILE B 124 -9.72 6.80 -17.80
CA ILE B 124 -9.74 8.30 -17.81
C ILE B 124 -8.31 8.83 -17.96
N HIS B 125 -8.03 9.47 -19.10
CA HIS B 125 -6.68 9.95 -19.44
C HIS B 125 -6.29 11.14 -18.56
N GLY B 126 -4.98 11.37 -18.44
CA GLY B 126 -4.38 12.51 -17.74
C GLY B 126 -4.23 13.74 -18.62
N GLY B 127 -3.50 14.73 -18.10
CA GLY B 127 -3.51 16.10 -18.64
C GLY B 127 -4.11 17.15 -17.73
N GLY B 128 -4.07 16.97 -16.40
CA GLY B 128 -4.48 18.01 -15.44
C GLY B 128 -5.95 18.40 -15.57
N MET B 129 -6.75 17.54 -16.20
CA MET B 129 -8.18 17.77 -16.54
C MET B 129 -8.27 18.98 -17.49
N VAL B 130 -7.17 19.41 -18.12
CA VAL B 130 -7.22 20.66 -18.93
C VAL B 130 -6.69 20.44 -20.36
N ILE B 131 -5.82 19.46 -20.58
CA ILE B 131 -5.22 19.22 -21.92
C ILE B 131 -5.09 17.71 -22.17
N LEU B 132 -4.76 17.37 -23.41
CA LEU B 132 -4.43 16.03 -23.98
C LEU B 132 -5.72 15.32 -24.39
N GLN B 133 -5.63 14.48 -25.41
CA GLN B 133 -6.79 13.71 -25.93
C GLN B 133 -6.58 12.23 -25.64
N ALA B 134 -7.66 11.52 -25.33
CA ALA B 134 -7.67 10.04 -25.21
C ALA B 134 -7.31 9.40 -26.55
N ALA B 135 -7.54 10.09 -27.65
CA ALA B 135 -7.17 9.64 -29.01
C ALA B 135 -5.65 9.66 -29.22
N GLY B 136 -4.89 10.26 -28.33
CA GLY B 136 -3.43 10.36 -28.47
C GLY B 136 -2.75 9.00 -28.32
N PRO B 137 -1.56 8.84 -28.94
CA PRO B 137 -0.90 7.53 -28.96
C PRO B 137 -0.52 6.93 -27.60
N VAL B 138 -0.19 7.72 -26.57
CA VAL B 138 0.20 7.17 -25.22
C VAL B 138 -1.02 6.46 -24.63
N TYR B 139 -2.21 6.98 -24.88
CA TYR B 139 -3.46 6.47 -24.27
C TYR B 139 -3.97 5.30 -25.11
N VAL B 140 -3.86 5.42 -26.43
CA VAL B 140 -4.19 4.29 -27.35
C VAL B 140 -3.33 3.10 -26.92
N ARG B 141 -2.04 3.32 -26.67
CA ARG B 141 -1.07 2.22 -26.37
C ARG B 141 -1.47 1.57 -25.04
N PHE B 142 -1.69 2.40 -24.01
CA PHE B 142 -2.02 1.90 -22.65
C PHE B 142 -3.32 1.09 -22.73
N ARG B 143 -4.32 1.58 -23.45
CA ARG B 143 -5.62 0.85 -23.51
C ARG B 143 -5.39 -0.49 -24.23
N ASP B 144 -4.62 -0.49 -25.30
CA ASP B 144 -4.33 -1.75 -26.01
C ASP B 144 -3.58 -2.71 -25.06
N GLU B 145 -2.58 -2.21 -24.34
CA GLU B 145 -1.73 -3.02 -23.43
C GLU B 145 -2.63 -3.66 -22.35
N LEU B 146 -3.57 -2.92 -21.78
CA LEU B 146 -4.48 -3.48 -20.74
C LEU B 146 -5.41 -4.53 -21.36
N ALA B 147 -6.00 -4.22 -22.51
CA ALA B 147 -6.90 -5.16 -23.23
C ALA B 147 -6.20 -6.48 -23.50
N ALA B 148 -4.93 -6.45 -23.90
CA ALA B 148 -4.12 -7.64 -24.27
C ALA B 148 -3.98 -8.58 -23.09
N THR B 149 -4.13 -8.10 -21.84
CA THR B 149 -4.02 -8.96 -20.64
C THR B 149 -5.31 -9.76 -20.40
N GLY B 150 -6.39 -9.49 -21.16
CA GLY B 150 -7.71 -10.14 -21.02
C GLY B 150 -8.67 -9.23 -20.28
N THR B 151 -8.84 -8.01 -20.82
CA THR B 151 -9.79 -7.03 -20.28
C THR B 151 -10.46 -6.31 -21.45
N VAL B 152 -11.63 -5.75 -21.18
CA VAL B 152 -12.33 -4.83 -22.09
C VAL B 152 -12.08 -3.42 -21.56
N VAL B 153 -11.50 -2.57 -22.39
CA VAL B 153 -11.11 -1.20 -21.97
C VAL B 153 -11.93 -0.22 -22.78
N VAL B 154 -12.51 0.75 -22.09
CA VAL B 154 -13.32 1.83 -22.68
C VAL B 154 -12.68 3.14 -22.25
N GLY B 155 -12.07 3.84 -23.22
CA GLY B 155 -11.45 5.15 -23.01
C GLY B 155 -12.44 6.27 -23.31
N VAL B 156 -12.75 7.09 -22.32
CA VAL B 156 -13.69 8.21 -22.51
C VAL B 156 -12.95 9.45 -23.03
N GLU B 157 -13.53 10.09 -24.06
CA GLU B 157 -13.05 11.40 -24.57
C GLU B 157 -13.99 12.48 -24.01
N TYR B 158 -13.62 13.06 -22.87
CA TYR B 158 -14.43 14.05 -22.13
C TYR B 158 -14.00 15.47 -22.50
N ARG B 159 -14.80 16.48 -22.11
CA ARG B 159 -14.44 17.88 -22.35
C ARG B 159 -13.31 18.28 -21.39
N ASN B 160 -12.30 18.98 -21.92
CA ASN B 160 -11.14 19.47 -21.17
C ASN B 160 -11.36 20.90 -20.69
N GLY B 161 -10.62 21.30 -19.66
CA GLY B 161 -10.64 22.72 -19.22
C GLY B 161 -10.07 23.67 -20.25
N ALA B 162 -9.21 23.19 -21.16
CA ALA B 162 -8.46 24.04 -22.09
C ALA B 162 -8.06 23.22 -23.32
N GLY B 163 -7.29 23.83 -24.18
CA GLY B 163 -6.74 23.16 -25.36
C GLY B 163 -7.83 22.86 -26.36
N VAL B 164 -7.56 21.90 -27.23
CA VAL B 164 -8.39 21.70 -28.44
C VAL B 164 -9.74 21.12 -28.04
N LEU B 165 -9.86 20.45 -26.89
CA LEU B 165 -11.15 19.93 -26.37
C LEU B 165 -11.73 20.87 -25.32
N GLY B 166 -11.22 22.09 -25.21
CA GLY B 166 -11.73 23.02 -24.20
C GLY B 166 -12.39 24.22 -24.84
N PRO B 167 -12.68 25.29 -24.08
CA PRO B 167 -12.43 25.33 -22.65
C PRO B 167 -13.71 25.09 -21.85
N HIS B 168 -13.70 24.06 -21.01
CA HIS B 168 -14.88 23.61 -20.23
C HIS B 168 -14.51 23.47 -18.75
N PRO B 169 -14.75 24.52 -17.95
CA PRO B 169 -14.43 24.48 -16.52
C PRO B 169 -15.05 23.28 -15.81
N PHE B 170 -14.42 22.92 -14.70
CA PHE B 170 -15.01 22.02 -13.70
C PHE B 170 -16.45 22.45 -13.47
N PRO B 171 -17.44 21.54 -13.39
CA PRO B 171 -17.25 20.09 -13.47
C PRO B 171 -17.62 19.40 -14.78
N ALA B 172 -17.42 20.07 -15.91
CA ALA B 172 -17.88 19.55 -17.23
C ALA B 172 -17.25 18.18 -17.52
N GLY B 173 -15.93 18.05 -17.41
CA GLY B 173 -15.27 16.75 -17.66
C GLY B 173 -15.74 15.67 -16.71
N LEU B 174 -15.89 16.01 -15.44
CA LEU B 174 -16.39 15.04 -14.43
C LEU B 174 -17.81 14.58 -14.79
N HIS B 175 -18.66 15.48 -15.26
CA HIS B 175 -20.03 15.19 -15.73
C HIS B 175 -19.95 14.23 -16.93
N ASP B 176 -19.08 14.51 -17.89
CA ASP B 176 -18.91 13.64 -19.07
C ASP B 176 -18.46 12.24 -18.63
N CYS B 177 -17.52 12.17 -17.71
CA CYS B 177 -17.06 10.89 -17.16
C CYS B 177 -18.25 10.15 -16.55
N ALA B 178 -19.11 10.85 -15.81
CA ALA B 178 -20.26 10.22 -15.13
C ALA B 178 -21.19 9.60 -16.18
N VAL B 179 -21.55 10.35 -17.21
CA VAL B 179 -22.55 9.87 -18.21
C VAL B 179 -21.96 8.67 -18.94
N ALA B 180 -20.69 8.74 -19.29
CA ALA B 180 -20.01 7.71 -20.10
C ALA B 180 -19.90 6.45 -19.23
N LEU B 181 -19.50 6.62 -17.97
CA LEU B 181 -19.42 5.47 -17.03
C LEU B 181 -20.79 4.79 -16.97
N ASP B 182 -21.86 5.57 -16.79
CA ASP B 182 -23.24 5.03 -16.68
C ASP B 182 -23.62 4.30 -17.97
N TRP B 183 -23.21 4.79 -19.11
CA TRP B 183 -23.53 4.14 -20.41
C TRP B 183 -22.90 2.74 -20.41
N VAL B 184 -21.64 2.65 -19.98
CA VAL B 184 -20.92 1.34 -19.98
C VAL B 184 -21.56 0.39 -18.96
N HIS B 185 -21.78 0.88 -17.75
CA HIS B 185 -22.37 0.08 -16.66
C HIS B 185 -23.69 -0.54 -17.10
N ALA B 186 -24.54 0.24 -17.74
CA ALA B 186 -25.88 -0.21 -18.21
C ALA B 186 -25.76 -1.32 -19.28
N ARG B 187 -24.61 -1.44 -19.94
CA ARG B 187 -24.41 -2.32 -21.13
C ARG B 187 -23.26 -3.30 -20.92
N ARG B 188 -22.96 -3.65 -19.67
CA ARG B 188 -21.87 -4.62 -19.39
C ARG B 188 -22.02 -5.87 -20.25
N ALA B 189 -23.18 -6.53 -20.21
CA ALA B 189 -23.37 -7.82 -20.92
C ALA B 189 -23.07 -7.63 -22.43
N GLU B 190 -23.59 -6.57 -23.02
CA GLU B 190 -23.44 -6.32 -24.48
C GLU B 190 -21.99 -6.00 -24.82
N LEU B 191 -21.26 -5.35 -23.92
CA LEU B 191 -19.85 -4.98 -24.16
C LEU B 191 -18.91 -6.14 -23.76
N GLY B 192 -19.44 -7.24 -23.25
CA GLY B 192 -18.64 -8.39 -22.80
C GLY B 192 -17.83 -8.07 -21.54
N ILE B 193 -18.42 -7.29 -20.64
CA ILE B 193 -17.77 -6.86 -19.38
C ILE B 193 -18.39 -7.64 -18.23
N SER B 194 -17.56 -8.07 -17.29
CA SER B 194 -17.99 -8.63 -15.99
C SER B 194 -18.03 -7.49 -14.95
N THR B 195 -16.95 -7.34 -14.18
CA THR B 195 -16.75 -6.24 -13.21
C THR B 195 -16.32 -5.00 -13.99
N LEU B 196 -16.45 -3.85 -13.34
CA LEU B 196 -16.08 -2.58 -14.00
C LEU B 196 -15.22 -1.78 -13.05
N THR B 197 -14.00 -1.48 -13.50
CA THR B 197 -13.01 -0.69 -12.75
C THR B 197 -12.85 0.67 -13.41
N VAL B 198 -12.81 1.73 -12.61
CA VAL B 198 -12.46 3.09 -13.11
C VAL B 198 -10.97 3.28 -12.87
N ALA B 199 -10.21 3.64 -13.91
CA ALA B 199 -8.75 3.80 -13.79
C ALA B 199 -8.26 5.03 -14.54
N GLY B 200 -7.17 5.62 -14.08
CA GLY B 200 -6.54 6.72 -14.81
C GLY B 200 -5.38 7.29 -14.03
N GLU B 201 -4.52 8.01 -14.73
CA GLU B 201 -3.25 8.52 -14.17
C GLU B 201 -3.31 10.04 -14.10
N SER B 202 -2.70 10.59 -13.07
CA SER B 202 -2.51 12.07 -12.89
C SER B 202 -3.89 12.75 -12.86
N GLY B 203 -4.21 13.66 -13.78
CA GLY B 203 -5.56 14.28 -13.89
C GLY B 203 -6.64 13.24 -14.15
N GLY B 204 -6.29 12.13 -14.77
CA GLY B 204 -7.22 11.00 -14.94
C GLY B 204 -7.40 10.24 -13.63
N GLY B 205 -6.36 10.21 -12.79
CA GLY B 205 -6.44 9.71 -11.42
C GLY B 205 -7.34 10.60 -10.58
N ASN B 206 -7.24 11.91 -10.78
CA ASN B 206 -8.14 12.88 -10.11
C ASN B 206 -9.58 12.54 -10.50
N LEU B 207 -9.86 12.51 -11.80
CA LEU B 207 -11.24 12.24 -12.26
C LEU B 207 -11.69 10.83 -11.86
N THR B 208 -10.78 9.86 -11.77
CA THR B 208 -11.11 8.48 -11.34
C THR B 208 -11.61 8.51 -9.88
N LEU B 209 -10.82 9.08 -8.98
CA LEU B 209 -11.20 9.13 -7.55
C LEU B 209 -12.45 10.00 -7.36
N ALA B 210 -12.56 11.14 -8.05
CA ALA B 210 -13.73 12.03 -7.94
C ALA B 210 -14.99 11.34 -8.49
N THR B 211 -14.86 10.57 -9.57
CA THR B 211 -15.96 9.78 -10.20
C THR B 211 -16.55 8.85 -9.14
N ALA B 212 -15.70 8.25 -8.30
CA ALA B 212 -16.16 7.32 -7.25
C ALA B 212 -16.89 8.12 -6.14
N ILE B 213 -16.31 9.23 -5.69
CA ILE B 213 -16.92 10.05 -4.62
C ILE B 213 -18.29 10.54 -5.15
N ARG B 214 -18.30 11.03 -6.39
CA ARG B 214 -19.53 11.57 -7.01
C ARG B 214 -20.57 10.46 -7.14
N ALA B 215 -20.19 9.27 -7.61
CA ALA B 215 -21.12 8.12 -7.80
C ALA B 215 -21.75 7.73 -6.46
N LYS B 216 -20.98 7.71 -5.38
CA LYS B 216 -21.49 7.45 -4.00
C LYS B 216 -22.55 8.50 -3.63
N ARG B 217 -22.26 9.78 -3.80
CA ARG B 217 -23.20 10.86 -3.44
C ARG B 217 -24.48 10.78 -4.27
N GLU B 218 -24.37 10.45 -5.57
CA GLU B 218 -25.49 10.45 -6.52
C GLU B 218 -26.23 9.09 -6.58
N GLY B 219 -25.85 8.10 -5.77
CA GLY B 219 -26.52 6.79 -5.74
C GLY B 219 -26.23 5.99 -7.00
N ARG B 220 -25.07 6.23 -7.62
CA ARG B 220 -24.66 5.58 -8.90
C ARG B 220 -23.51 4.59 -8.66
N LEU B 221 -23.21 4.26 -7.41
CA LEU B 221 -21.95 3.55 -7.04
C LEU B 221 -21.94 2.09 -7.51
N ASP B 222 -23.09 1.48 -7.83
CA ASP B 222 -23.13 0.11 -8.41
C ASP B 222 -22.43 0.07 -9.78
N ALA B 223 -22.17 1.22 -10.39
CA ALA B 223 -21.39 1.29 -11.65
C ALA B 223 -19.91 0.91 -11.42
N ILE B 224 -19.45 0.92 -10.17
CA ILE B 224 -17.99 0.85 -9.87
C ILE B 224 -17.68 -0.32 -8.94
N ASP B 225 -17.05 -1.36 -9.47
CA ASP B 225 -16.61 -2.56 -8.70
C ASP B 225 -15.21 -2.32 -8.13
N GLY B 226 -14.45 -1.37 -8.70
CA GLY B 226 -13.07 -1.11 -8.25
C GLY B 226 -12.54 0.17 -8.84
N VAL B 227 -11.48 0.68 -8.21
CA VAL B 227 -10.89 2.00 -8.56
C VAL B 227 -9.37 1.85 -8.53
N TYR B 228 -8.72 2.24 -9.61
CA TYR B 228 -7.25 2.08 -9.74
C TYR B 228 -6.73 3.45 -10.18
N ALA B 229 -6.16 4.21 -9.24
CA ALA B 229 -5.67 5.57 -9.52
C ALA B 229 -4.14 5.54 -9.55
N LEU B 230 -3.56 5.96 -10.67
CA LEU B 230 -2.09 6.04 -10.86
C LEU B 230 -1.63 7.47 -10.73
N VAL B 231 -0.54 7.64 -9.98
CA VAL B 231 0.10 8.97 -9.79
C VAL B 231 -0.96 10.08 -9.73
N PRO B 232 -1.95 9.96 -8.81
CA PRO B 232 -3.06 10.91 -8.82
C PRO B 232 -2.64 12.37 -8.57
N TYR B 233 -3.26 13.30 -9.30
CA TYR B 233 -3.10 14.77 -9.24
C TYR B 233 -4.32 15.35 -8.51
N ILE B 234 -4.22 15.47 -7.18
CA ILE B 234 -5.45 15.56 -6.34
C ILE B 234 -5.37 16.59 -5.21
N SER B 235 -4.20 17.17 -4.88
CA SER B 235 -4.09 18.15 -3.78
C SER B 235 -4.62 19.52 -4.20
N GLY B 236 -4.37 19.98 -5.42
CA GLY B 236 -4.69 21.36 -5.85
C GLY B 236 -3.79 22.40 -5.15
N MET B 237 -2.74 21.99 -4.43
CA MET B 237 -1.99 22.89 -3.52
C MET B 237 -0.71 23.40 -4.17
N TYR B 238 -0.59 23.31 -5.49
CA TYR B 238 0.69 23.52 -6.21
C TYR B 238 1.10 24.98 -6.12
N GLY B 239 0.12 25.88 -5.99
CA GLY B 239 0.32 27.35 -5.93
C GLY B 239 0.72 27.82 -4.54
N ARG B 240 0.75 26.96 -3.51
CA ARG B 240 1.11 27.42 -2.15
C ARG B 240 2.62 27.69 -2.13
N SER B 241 3.13 28.38 -1.11
CA SER B 241 4.58 28.67 -0.99
C SER B 241 5.39 27.38 -0.88
N ARG B 242 6.68 27.48 -1.21
CA ARG B 242 7.69 26.43 -0.99
C ARG B 242 7.55 25.94 0.46
N GLU B 243 7.42 26.85 1.44
CA GLU B 243 7.40 26.50 2.89
C GLU B 243 6.13 25.69 3.20
N GLU B 244 4.99 26.14 2.68
CA GLU B 244 3.67 25.50 2.91
C GLU B 244 3.68 24.11 2.26
N ARG B 245 4.16 24.02 1.02
CA ARG B 245 4.19 22.70 0.32
C ARG B 245 5.15 21.80 1.07
N GLU B 246 6.31 22.31 1.48
CA GLU B 246 7.31 21.45 2.15
C GLU B 246 6.71 20.89 3.45
N ALA B 247 5.93 21.70 4.18
CA ALA B 247 5.34 21.35 5.48
C ALA B 247 4.31 20.24 5.31
N GLU B 248 3.44 20.33 4.29
CA GLU B 248 2.28 19.42 4.15
C GLU B 248 2.58 18.23 3.22
N LEU B 249 3.22 18.45 2.08
CA LEU B 249 3.50 17.41 1.05
C LEU B 249 4.91 17.62 0.50
N PRO B 250 5.93 17.14 1.24
CA PRO B 250 7.32 17.43 0.91
C PRO B 250 7.76 17.03 -0.51
N SER B 251 7.14 16.00 -1.09
CA SER B 251 7.45 15.54 -2.48
C SER B 251 7.23 16.70 -3.45
N LEU B 252 6.33 17.62 -3.12
CA LEU B 252 6.01 18.76 -4.03
C LEU B 252 7.22 19.69 -4.15
N VAL B 253 8.12 19.69 -3.17
CA VAL B 253 9.40 20.44 -3.23
C VAL B 253 10.53 19.50 -3.65
N GLU B 254 10.58 18.31 -3.05
CA GLU B 254 11.67 17.34 -3.26
C GLU B 254 11.84 17.07 -4.75
N CYS B 255 10.73 16.86 -5.49
CA CYS B 255 10.75 16.47 -6.90
C CYS B 255 10.06 17.52 -7.76
N ASP B 256 9.99 18.76 -7.32
CA ASP B 256 9.44 19.85 -8.17
C ASP B 256 10.30 19.98 -9.43
N GLY B 257 9.68 20.04 -10.59
CA GLY B 257 10.38 20.22 -11.89
C GLY B 257 10.89 18.93 -12.49
N TYR B 258 10.77 17.82 -11.77
CA TYR B 258 10.98 16.46 -12.29
C TYR B 258 9.82 16.14 -13.24
N PHE B 259 10.00 16.45 -14.53
CA PHE B 259 9.00 16.36 -15.61
C PHE B 259 7.90 17.43 -15.45
N ILE B 260 7.18 17.41 -14.34
CA ILE B 260 6.11 18.42 -14.08
C ILE B 260 6.51 19.30 -12.90
N SER B 261 5.90 20.48 -12.85
CA SER B 261 6.26 21.55 -11.92
C SER B 261 5.02 22.04 -11.23
N CYS B 262 5.20 22.52 -10.00
CA CYS B 262 4.13 23.16 -9.21
C CYS B 262 3.65 24.45 -9.88
N ASP B 263 4.54 25.23 -10.48
CA ASP B 263 4.11 26.53 -11.06
C ASP B 263 3.14 26.31 -12.24
N LEU B 264 3.47 25.39 -13.14
CA LEU B 264 2.59 24.97 -14.28
C LEU B 264 1.28 24.43 -13.70
N CYS B 265 1.34 23.55 -12.72
CA CYS B 265 0.14 22.94 -12.11
C CYS B 265 -0.74 24.03 -11.47
N ALA B 266 -0.15 25.04 -10.83
CA ALA B 266 -0.93 26.13 -10.21
C ALA B 266 -1.71 26.90 -11.27
N VAL B 267 -1.12 27.07 -12.45
CA VAL B 267 -1.83 27.73 -13.59
C VAL B 267 -2.98 26.81 -14.02
N PHE B 268 -2.75 25.51 -14.15
CA PHE B 268 -3.76 24.51 -14.59
C PHE B 268 -4.88 24.40 -13.57
N VAL B 269 -4.59 24.58 -12.29
CA VAL B 269 -5.66 24.60 -11.25
C VAL B 269 -6.63 25.75 -11.58
N GLU B 270 -6.12 26.96 -11.76
CA GLU B 270 -6.95 28.15 -12.07
C GLU B 270 -7.69 27.96 -13.41
N VAL B 271 -7.03 27.39 -14.43
CA VAL B 271 -7.64 27.13 -15.77
C VAL B 271 -8.84 26.19 -15.57
N TYR B 272 -8.65 25.11 -14.80
CA TYR B 272 -9.69 24.08 -14.57
C TYR B 272 -10.90 24.69 -13.85
N ASP B 273 -10.63 25.56 -12.88
CA ASP B 273 -11.67 26.03 -11.91
C ASP B 273 -11.46 27.54 -11.73
N PRO B 274 -11.74 28.35 -12.77
CA PRO B 274 -11.49 29.79 -12.70
C PRO B 274 -12.20 30.39 -11.48
N GLY B 275 -11.45 31.15 -10.68
CA GLY B 275 -11.90 31.75 -9.41
C GLY B 275 -11.77 30.82 -8.21
N THR B 276 -11.31 29.59 -8.43
CA THR B 276 -11.06 28.50 -7.46
C THR B 276 -12.12 28.43 -6.34
N ALA B 277 -13.41 28.53 -6.66
CA ALA B 277 -14.54 28.27 -5.72
C ALA B 277 -14.46 26.83 -5.21
N HIS B 278 -13.82 25.93 -5.96
CA HIS B 278 -13.81 24.47 -5.66
C HIS B 278 -12.44 24.03 -5.14
N LEU B 279 -11.61 24.97 -4.66
CA LEU B 279 -10.22 24.67 -4.23
C LEU B 279 -10.20 23.56 -3.16
N THR B 280 -11.18 23.47 -2.25
CA THR B 280 -11.20 22.41 -1.20
C THR B 280 -12.40 21.49 -1.36
N ASP B 281 -13.02 21.52 -2.53
CA ASP B 281 -14.11 20.60 -2.91
C ASP B 281 -13.49 19.26 -3.30
N PRO B 282 -13.80 18.16 -2.58
CA PRO B 282 -13.25 16.86 -2.94
C PRO B 282 -13.57 16.41 -4.37
N LEU B 283 -14.64 16.93 -4.98
CA LEU B 283 -15.01 16.54 -6.37
C LEU B 283 -14.01 17.16 -7.36
N ALA B 284 -13.38 18.30 -7.00
CA ALA B 284 -12.32 18.95 -7.82
C ALA B 284 -10.93 18.43 -7.42
N TRP B 285 -10.71 18.21 -6.12
CA TRP B 285 -9.38 17.91 -5.50
C TRP B 285 -9.59 16.85 -4.44
N PRO B 286 -9.66 15.57 -4.84
CA PRO B 286 -10.00 14.47 -3.92
C PRO B 286 -9.14 14.34 -2.65
N TYR B 287 -7.98 14.96 -2.60
CA TYR B 287 -7.12 15.03 -1.38
C TYR B 287 -7.95 15.57 -0.21
N HIS B 288 -8.93 16.45 -0.47
CA HIS B 288 -9.73 17.13 0.58
C HIS B 288 -10.90 16.28 1.04
N ALA B 289 -11.02 15.06 0.53
CA ALA B 289 -12.12 14.15 0.92
C ALA B 289 -12.09 13.93 2.43
N ALA B 290 -13.25 14.10 3.05
CA ALA B 290 -13.46 13.78 4.47
C ALA B 290 -13.74 12.28 4.61
N ARG B 291 -13.62 11.74 5.82
CA ARG B 291 -13.83 10.29 6.02
C ARG B 291 -15.20 9.89 5.46
N GLU B 292 -16.23 10.69 5.74
CA GLU B 292 -17.65 10.42 5.33
C GLU B 292 -17.76 10.37 3.79
N ASP B 293 -16.85 11.01 3.05
CA ASP B 293 -16.83 10.95 1.57
C ASP B 293 -16.32 9.58 1.06
N LEU B 294 -15.60 8.82 1.88
CA LEU B 294 -14.85 7.60 1.44
C LEU B 294 -15.51 6.33 1.99
N VAL B 295 -16.20 6.40 3.13
CA VAL B 295 -16.79 5.17 3.72
C VAL B 295 -17.71 4.54 2.68
N GLY B 296 -17.60 3.22 2.54
CA GLY B 296 -18.48 2.44 1.66
C GLY B 296 -18.00 2.40 0.21
N LEU B 297 -16.91 3.07 -0.14
CA LEU B 297 -16.38 3.02 -1.53
C LEU B 297 -15.86 1.61 -1.84
N PRO B 298 -15.94 1.16 -3.10
CA PRO B 298 -15.43 -0.15 -3.49
C PRO B 298 -13.91 -0.20 -3.44
N PRO B 299 -13.31 -1.39 -3.63
CA PRO B 299 -11.86 -1.54 -3.53
C PRO B 299 -11.11 -0.53 -4.41
N HIS B 300 -10.05 0.04 -3.83
CA HIS B 300 -9.11 0.99 -4.48
C HIS B 300 -7.69 0.44 -4.52
N VAL B 301 -6.95 0.82 -5.56
CA VAL B 301 -5.47 0.81 -5.59
C VAL B 301 -4.97 2.24 -5.83
N ILE B 302 -4.02 2.67 -5.01
CA ILE B 302 -3.33 3.97 -5.24
C ILE B 302 -1.87 3.65 -5.59
N SER B 303 -1.49 3.85 -6.85
CA SER B 303 -0.11 3.59 -7.34
C SER B 303 0.63 4.93 -7.38
N VAL B 304 1.73 5.08 -6.64
CA VAL B 304 2.55 6.32 -6.67
C VAL B 304 3.95 6.03 -7.20
N ASN B 305 4.64 7.06 -7.65
CA ASN B 305 5.95 6.89 -8.30
C ASN B 305 7.03 7.53 -7.41
N GLU B 306 8.16 6.86 -7.23
CA GLU B 306 9.16 7.28 -6.22
C GLU B 306 9.62 8.73 -6.42
N VAL B 307 9.90 9.22 -7.63
CA VAL B 307 10.50 10.59 -7.79
C VAL B 307 9.50 11.49 -8.53
N ASP B 308 8.25 11.38 -8.10
CA ASP B 308 7.10 12.18 -8.59
C ASP B 308 6.77 13.19 -7.52
N PRO B 309 6.67 14.50 -7.83
CA PRO B 309 6.23 15.48 -6.83
C PRO B 309 4.85 15.13 -6.25
N LEU B 310 4.00 14.44 -7.01
CA LEU B 310 2.62 14.10 -6.54
C LEU B 310 2.63 12.87 -5.61
N ARG B 311 3.80 12.30 -5.32
CA ARG B 311 3.87 11.04 -4.57
C ARG B 311 3.13 11.18 -3.25
N ASP B 312 3.44 12.23 -2.49
CA ASP B 312 2.94 12.32 -1.09
C ASP B 312 1.42 12.53 -1.07
N GLU B 313 0.82 13.28 -2.00
CA GLU B 313 -0.66 13.42 -2.01
C GLU B 313 -1.32 12.09 -2.34
N GLY B 314 -0.70 11.26 -3.17
CA GLY B 314 -1.18 9.90 -3.45
C GLY B 314 -1.13 9.03 -2.22
N LEU B 315 -0.03 9.09 -1.45
CA LEU B 315 0.13 8.29 -0.23
C LEU B 315 -0.91 8.73 0.80
N ALA B 316 -1.15 10.03 0.90
CA ALA B 316 -2.12 10.60 1.84
C ALA B 316 -3.51 10.06 1.50
N TYR B 317 -3.83 9.92 0.22
CA TYR B 317 -5.18 9.44 -0.16
C TYR B 317 -5.32 7.97 0.26
N TYR B 318 -4.24 7.19 0.10
CA TYR B 318 -4.28 5.78 0.54
C TYR B 318 -4.60 5.72 2.03
N ARG B 319 -3.89 6.52 2.81
CA ARG B 319 -4.08 6.54 4.27
C ARG B 319 -5.53 6.86 4.58
N LYS B 320 -6.10 7.83 3.87
CA LYS B 320 -7.48 8.27 4.14
C LYS B 320 -8.48 7.15 3.79
N LEU B 321 -8.24 6.46 2.69
CA LEU B 321 -9.06 5.29 2.30
C LEU B 321 -9.00 4.24 3.41
N VAL B 322 -7.82 3.92 3.91
CA VAL B 322 -7.65 2.88 4.97
C VAL B 322 -8.40 3.35 6.23
N GLU B 323 -8.22 4.62 6.61
CA GLU B 323 -8.91 5.17 7.81
C GLU B 323 -10.43 5.05 7.67
N ALA B 324 -10.97 5.02 6.44
CA ALA B 324 -12.42 4.91 6.14
C ALA B 324 -12.87 3.48 5.92
N GLY B 325 -11.97 2.51 6.03
CA GLY B 325 -12.21 1.06 5.94
C GLY B 325 -12.45 0.58 4.53
N VAL B 326 -12.07 1.39 3.54
CA VAL B 326 -12.09 0.94 2.13
C VAL B 326 -11.10 -0.22 1.98
N GLU B 327 -11.47 -1.21 1.18
CA GLU B 327 -10.56 -2.33 0.85
C GLU B 327 -9.50 -1.77 -0.11
N ALA B 328 -8.50 -1.10 0.45
CA ALA B 328 -7.50 -0.34 -0.31
C ALA B 328 -6.14 -1.04 -0.26
N ARG B 329 -5.40 -0.82 -1.33
CA ARG B 329 -3.98 -1.21 -1.49
C ARG B 329 -3.22 -0.02 -2.03
N SER B 330 -1.91 -0.03 -1.82
CA SER B 330 -1.02 0.98 -2.42
C SER B 330 0.28 0.31 -2.83
N ARG B 331 0.92 0.90 -3.81
CA ARG B 331 2.26 0.48 -4.26
C ARG B 331 3.04 1.72 -4.64
N VAL B 332 4.36 1.59 -4.63
CA VAL B 332 5.29 2.60 -5.21
C VAL B 332 6.06 1.95 -6.34
N VAL B 333 6.23 2.71 -7.39
CA VAL B 333 7.09 2.35 -8.53
C VAL B 333 8.47 2.96 -8.25
N PRO B 334 9.48 2.14 -7.92
CA PRO B 334 10.83 2.67 -7.67
C PRO B 334 11.46 3.26 -8.94
N GLY B 335 12.19 4.37 -8.79
CA GLY B 335 13.01 4.99 -9.85
C GLY B 335 12.19 5.77 -10.86
N ALA B 336 10.87 5.92 -10.59
CA ALA B 336 9.88 6.44 -11.56
C ALA B 336 9.58 7.92 -11.30
N CYS B 337 9.80 8.73 -12.33
CA CYS B 337 9.25 10.08 -12.40
C CYS B 337 7.74 9.96 -12.63
N HIS B 338 7.07 11.09 -12.61
CA HIS B 338 5.62 11.16 -12.82
C HIS B 338 5.29 10.41 -14.11
N ALA B 339 4.38 9.43 -14.01
CA ALA B 339 3.83 8.65 -15.16
C ALA B 339 4.91 7.87 -15.93
N ALA B 340 6.12 7.67 -15.39
CA ALA B 340 7.20 6.92 -16.06
C ALA B 340 6.68 5.56 -16.54
N ASP B 341 5.86 4.93 -15.71
CA ASP B 341 5.33 3.57 -15.97
C ASP B 341 4.32 3.56 -17.14
N MET B 342 3.90 4.71 -17.66
CA MET B 342 3.06 4.77 -18.89
C MET B 342 3.76 5.42 -20.09
N MET B 343 4.82 6.20 -19.85
CA MET B 343 5.53 6.92 -20.91
C MET B 343 6.59 6.03 -21.55
N PHE B 344 7.33 5.22 -20.78
CA PHE B 344 8.62 4.65 -21.25
C PHE B 344 8.42 3.20 -21.69
N ARG B 345 7.41 2.97 -22.54
CA ARG B 345 7.19 1.62 -23.09
C ARG B 345 8.49 1.14 -23.78
N LYS B 346 9.20 2.03 -24.48
CA LYS B 346 10.44 1.64 -25.22
C LYS B 346 11.62 1.48 -24.25
N ALA B 347 11.90 2.49 -23.43
CA ALA B 347 13.17 2.55 -22.67
C ALA B 347 13.09 1.74 -21.40
N ALA B 348 11.89 1.53 -20.82
CA ALA B 348 11.72 0.83 -19.54
C ALA B 348 10.53 -0.13 -19.63
N PRO B 349 10.59 -1.15 -20.51
CA PRO B 349 9.43 -2.00 -20.72
C PRO B 349 9.08 -2.83 -19.47
N ASP B 350 10.07 -3.19 -18.64
CA ASP B 350 9.76 -3.99 -17.41
C ASP B 350 8.91 -3.16 -16.46
N MET B 351 9.20 -1.86 -16.34
CA MET B 351 8.45 -0.92 -15.47
C MET B 351 7.01 -0.81 -15.98
N TYR B 352 6.87 -0.65 -17.30
CA TYR B 352 5.56 -0.52 -17.96
C TYR B 352 4.73 -1.79 -17.74
N GLU B 353 5.32 -2.94 -18.02
CA GLU B 353 4.69 -4.26 -17.82
C GLU B 353 4.26 -4.46 -16.36
N ALA B 354 5.03 -4.01 -15.38
CA ALA B 354 4.71 -4.23 -13.96
C ALA B 354 3.38 -3.54 -13.65
N THR B 355 3.21 -2.32 -14.13
CA THR B 355 1.97 -1.56 -13.84
C THR B 355 0.80 -2.24 -14.56
N VAL B 356 0.98 -2.59 -15.84
CA VAL B 356 -0.10 -3.28 -16.59
C VAL B 356 -0.51 -4.55 -15.85
N GLN B 357 0.45 -5.32 -15.34
CA GLN B 357 0.11 -6.62 -14.71
C GLN B 357 -0.59 -6.36 -13.37
N ASP B 358 -0.14 -5.34 -12.65
CA ASP B 358 -0.77 -5.01 -11.34
C ASP B 358 -2.23 -4.65 -11.56
N ILE B 359 -2.51 -3.87 -12.59
CA ILE B 359 -3.90 -3.49 -12.95
C ILE B 359 -4.67 -4.76 -13.34
N HIS B 360 -4.11 -5.60 -14.19
CA HIS B 360 -4.79 -6.87 -14.58
C HIS B 360 -5.12 -7.66 -13.31
N ASP B 361 -4.15 -7.83 -12.42
CA ASP B 361 -4.34 -8.69 -11.22
C ASP B 361 -5.46 -8.10 -10.37
N PHE B 362 -5.49 -6.78 -10.19
CA PHE B 362 -6.52 -6.13 -9.36
C PHE B 362 -7.91 -6.38 -9.94
N VAL B 363 -8.14 -6.07 -11.21
CA VAL B 363 -9.49 -6.17 -11.82
C VAL B 363 -9.93 -7.66 -11.87
N THR B 364 -9.02 -8.61 -12.11
CA THR B 364 -9.39 -10.06 -12.14
C THR B 364 -9.72 -10.53 -10.72
N SER B 365 -9.23 -9.84 -9.68
CA SER B 365 -9.51 -10.14 -8.25
C SER B 365 -10.96 -9.80 -7.88
N LEU B 366 -11.63 -8.89 -8.58
CA LEU B 366 -12.92 -8.31 -8.14
C LEU B 366 -14.06 -9.27 -8.41
N HIS B 367 -15.14 -9.17 -7.65
CA HIS B 367 -16.31 -10.09 -7.76
C HIS B 367 -17.66 -9.38 -8.07
N ARG B 368 -18.11 -8.34 -7.39
CA ARG B 368 -19.55 -7.91 -7.52
C ARG B 368 -20.39 -8.53 -6.40
C1 HEE C . -0.54 -9.65 19.30
C2 HEE C . -0.66 -10.92 18.51
C3 HEE C . -1.82 -11.77 18.98
C4 HEE C . -1.67 -13.17 18.41
C5 HEE C . -2.00 -13.25 16.92
C6 HEE C . -2.48 -14.67 16.57
P HEE C . 0.95 -8.74 19.03
O1P HEE C . 2.19 -9.55 19.16
O2P HEE C . 0.65 -7.71 20.23
C1' HEE C . 1.39 -6.63 20.45
C1 HEE D . -5.47 -12.73 31.18
C2 HEE D . -6.75 -13.26 30.53
C3 HEE D . -6.68 -13.25 29.00
C4 HEE D . -8.05 -13.45 28.32
C5 HEE D . -8.69 -14.82 28.62
C6 HEE D . -9.92 -15.12 27.79
P HEE D . -5.27 -13.37 32.91
O1P HEE D . -6.03 -12.68 33.97
O2P HEE D . -3.63 -13.35 33.23
C1' HEE D . -3.00 -12.54 34.19
C5 4MU E . -3.63 -9.80 24.30
C6 4MU E . -4.15 -8.63 24.87
C7 4MU E . -3.31 -7.46 25.04
C2 4MU E . 0.43 -9.83 23.16
C3 4MU E . -0.35 -11.08 22.94
C4 4MU E . -1.67 -11.02 23.31
O2 4MU E . 1.74 -9.78 22.79
O1 4MU E . -0.13 -8.69 23.67
CM4 4MU E . -2.49 -12.28 23.09
C4A 4MU E . -2.24 -9.88 23.89
C8A 4MU E . -1.45 -8.66 24.07
C8 4MU E . -1.94 -7.52 24.60
O1' 4MU E . -3.88 -6.33 25.60
C5 4MU F . -5.65 -16.53 36.20
C6 4MU F . -5.96 -15.62 35.19
C7 4MU F . -5.23 -15.70 33.95
C2 4MU F . -2.63 -19.31 35.36
C3 4MU F . -3.30 -19.37 36.71
C4 4MU F . -4.28 -18.45 36.96
O2 4MU F . -1.64 -20.18 35.06
O1 4MU F . -2.96 -18.42 34.42
CM4 4MU F . -4.96 -18.48 38.32
C4A 4MU F . -4.62 -17.54 36.01
C8A 4MU F . -3.95 -17.54 34.72
C8 4MU F . -4.24 -16.70 33.74
O1' 4MU F . -5.50 -14.84 32.91
C1 HEE G . -0.61 16.48 -13.94
C2 HEE G . -0.90 17.64 -14.92
C3 HEE G . 0.16 18.74 -15.30
C4 HEE G . 1.02 18.61 -16.57
C5 HEE G . 0.24 18.04 -17.75
C6 HEE G . 1.31 17.48 -18.69
P HEE G . -0.99 14.93 -14.85
O1P HEE G . -2.28 14.90 -15.58
O2P HEE G . 0.23 14.65 -15.92
O3P HEE G . -1.03 13.85 -13.75
C1' HEE G . 0.14 13.61 -16.93
MG MG H . -0.43 10.65 -26.64
#